data_1RYV
#
_entry.id   1RYV
#
_cell.length_a   1.000
_cell.length_b   1.000
_cell.length_c   1.000
_cell.angle_alpha   90.00
_cell.angle_beta   90.00
_cell.angle_gamma   90.00
#
_symmetry.space_group_name_H-M   'P 1'
#
_entity_poly.entity_id   1
_entity_poly.type   'polypeptide(L)'
_entity_poly.pdbx_seq_one_letter_code
;ECLGFGKGCNPSNDQCCKSSNLVCSRAHRWCKYEI(NH2)
;
_entity_poly.pdbx_strand_id   A
#
# COMPACT_ATOMS: atom_id res chain seq x y z
N GLU A 1 11.33 7.22 -1.06
CA GLU A 1 11.10 5.89 -1.70
C GLU A 1 9.72 5.35 -1.31
N CYS A 2 8.91 5.01 -2.29
CA CYS A 2 7.55 4.47 -2.00
C CYS A 2 7.40 3.05 -2.54
N LEU A 3 6.27 2.43 -2.30
CA LEU A 3 6.04 1.03 -2.81
C LEU A 3 4.94 1.03 -3.87
N GLY A 4 5.20 0.44 -5.01
CA GLY A 4 4.17 0.40 -6.09
C GLY A 4 3.06 -0.60 -5.73
N PHE A 5 2.07 -0.73 -6.58
CA PHE A 5 0.95 -1.68 -6.31
C PHE A 5 1.48 -3.12 -6.33
N GLY A 6 1.20 -3.88 -5.29
CA GLY A 6 1.69 -5.29 -5.23
C GLY A 6 2.74 -5.43 -4.12
N LYS A 7 3.56 -4.42 -3.93
CA LYS A 7 4.62 -4.48 -2.87
C LYS A 7 3.98 -4.58 -1.48
N GLY A 8 4.51 -5.42 -0.62
CA GLY A 8 3.94 -5.56 0.75
C GLY A 8 4.61 -4.55 1.69
N CYS A 9 3.87 -4.01 2.63
CA CYS A 9 4.45 -3.02 3.58
C CYS A 9 3.73 -3.10 4.94
N ASN A 10 4.15 -2.29 5.90
CA ASN A 10 3.50 -2.32 7.24
C ASN A 10 2.23 -1.45 7.25
N PRO A 11 1.20 -1.94 7.91
CA PRO A 11 -0.08 -1.19 7.98
C PRO A 11 0.07 0.05 8.88
N SER A 12 0.82 -0.04 9.94
CA SER A 12 1.01 1.14 10.84
C SER A 12 1.71 2.27 10.08
N ASN A 13 2.57 1.94 9.15
CA ASN A 13 3.28 2.97 8.36
C ASN A 13 3.11 2.68 6.86
N ASP A 14 1.95 2.97 6.33
CA ASP A 14 1.69 2.72 4.87
C ASP A 14 2.76 3.38 4.01
N GLN A 15 3.62 2.59 3.40
CA GLN A 15 4.70 3.16 2.55
C GLN A 15 4.36 3.05 1.06
N CYS A 16 3.11 2.78 0.73
CA CYS A 16 2.73 2.67 -0.71
C CYS A 16 2.76 4.05 -1.38
N CYS A 17 3.08 4.09 -2.65
CA CYS A 17 3.15 5.40 -3.37
C CYS A 17 1.76 6.04 -3.45
N LYS A 18 1.66 7.32 -3.15
CA LYS A 18 0.33 8.01 -3.20
C LYS A 18 0.01 8.48 -4.63
N SER A 19 0.90 8.27 -5.57
CA SER A 19 0.62 8.71 -6.97
C SER A 19 -0.61 7.97 -7.51
N SER A 20 -0.71 6.69 -7.26
CA SER A 20 -1.90 5.91 -7.75
C SER A 20 -2.86 5.61 -6.59
N ASN A 21 -2.82 6.40 -5.54
CA ASN A 21 -3.73 6.18 -4.37
C ASN A 21 -3.68 4.72 -3.89
N LEU A 22 -2.55 4.29 -3.38
CA LEU A 22 -2.43 2.88 -2.90
C LEU A 22 -2.22 2.84 -1.39
N VAL A 23 -2.86 1.92 -0.71
CA VAL A 23 -2.71 1.80 0.77
C VAL A 23 -2.38 0.37 1.17
N CYS A 24 -1.70 0.18 2.27
CA CYS A 24 -1.34 -1.20 2.70
C CYS A 24 -2.54 -1.89 3.36
N SER A 25 -2.98 -3.00 2.82
CA SER A 25 -4.14 -3.73 3.39
C SER A 25 -3.81 -4.26 4.79
N ARG A 26 -4.80 -4.63 5.56
CA ARG A 26 -4.54 -5.15 6.94
C ARG A 26 -4.41 -6.68 6.91
N ALA A 27 -5.19 -7.34 6.10
CA ALA A 27 -5.12 -8.84 6.03
C ALA A 27 -4.02 -9.28 5.04
N HIS A 28 -3.86 -8.56 3.96
CA HIS A 28 -2.81 -8.92 2.96
C HIS A 28 -1.52 -8.14 3.20
N ARG A 29 -1.61 -6.98 3.84
CA ARG A 29 -0.40 -6.15 4.11
C ARG A 29 0.33 -5.81 2.80
N TRP A 30 -0.37 -5.24 1.86
CA TRP A 30 0.26 -4.88 0.55
C TRP A 30 -0.40 -3.63 -0.05
N CYS A 31 0.24 -3.01 -1.00
CA CYS A 31 -0.35 -1.79 -1.64
C CYS A 31 -1.58 -2.16 -2.47
N LYS A 32 -2.72 -1.61 -2.13
CA LYS A 32 -3.97 -1.91 -2.88
C LYS A 32 -4.73 -0.62 -3.20
N TYR A 33 -5.70 -0.68 -4.09
CA TYR A 33 -6.48 0.54 -4.43
C TYR A 33 -7.64 0.74 -3.43
N GLU A 34 -8.33 1.85 -3.53
CA GLU A 34 -9.47 2.11 -2.59
C GLU A 34 -10.67 1.22 -2.95
N ILE A 35 -11.38 0.76 -1.95
CA ILE A 35 -12.58 -0.11 -2.21
C ILE A 35 -13.82 0.74 -2.54
N GLU A 1 11.55 5.43 -4.56
CA GLU A 1 11.21 3.97 -4.52
C GLU A 1 10.04 3.71 -3.56
N CYS A 2 9.25 2.70 -3.85
CA CYS A 2 8.08 2.39 -2.97
C CYS A 2 7.56 0.97 -3.25
N LEU A 3 6.50 0.57 -2.59
CA LEU A 3 5.93 -0.79 -2.81
C LEU A 3 4.82 -0.73 -3.87
N GLY A 4 5.03 -1.36 -5.00
CA GLY A 4 3.98 -1.33 -6.08
C GLY A 4 2.75 -2.14 -5.65
N PHE A 5 1.81 -2.30 -6.53
CA PHE A 5 0.57 -3.07 -6.19
C PHE A 5 0.91 -4.55 -5.97
N GLY A 6 0.27 -5.19 -5.03
CA GLY A 6 0.55 -6.63 -4.75
C GLY A 6 1.84 -6.75 -3.92
N LYS A 7 2.10 -5.80 -3.05
CA LYS A 7 3.33 -5.85 -2.21
C LYS A 7 2.96 -5.72 -0.73
N GLY A 8 3.40 -6.64 0.09
CA GLY A 8 3.09 -6.58 1.55
C GLY A 8 3.62 -5.27 2.14
N CYS A 9 2.77 -4.54 2.83
CA CYS A 9 3.21 -3.25 3.44
C CYS A 9 2.87 -3.22 4.94
N ASN A 10 3.62 -2.46 5.71
CA ASN A 10 3.35 -2.38 7.18
C ASN A 10 2.20 -1.38 7.44
N PRO A 11 1.29 -1.77 8.29
CA PRO A 11 0.15 -0.90 8.65
C PRO A 11 0.61 0.30 9.49
N SER A 12 1.56 0.08 10.37
CA SER A 12 2.08 1.21 11.21
C SER A 12 3.02 2.08 10.38
N ASN A 13 3.71 1.50 9.43
CA ASN A 13 4.64 2.29 8.56
C ASN A 13 4.16 2.22 7.11
N ASP A 14 3.08 2.88 6.80
CA ASP A 14 2.53 2.85 5.40
C ASP A 14 3.52 3.50 4.43
N GLN A 15 3.93 2.78 3.42
CA GLN A 15 4.90 3.35 2.43
C GLN A 15 4.66 2.75 1.03
N CYS A 16 3.42 2.60 0.64
CA CYS A 16 3.11 2.03 -0.71
C CYS A 16 3.50 3.04 -1.81
N CYS A 17 3.41 2.65 -3.05
CA CYS A 17 3.78 3.59 -4.16
C CYS A 17 2.70 4.67 -4.31
N LYS A 18 3.11 5.89 -4.56
CA LYS A 18 2.11 7.00 -4.72
C LYS A 18 1.67 7.14 -6.18
N SER A 19 1.96 6.17 -7.02
CA SER A 19 1.52 6.27 -8.45
C SER A 19 0.01 6.33 -8.54
N SER A 20 -0.68 5.53 -7.74
CA SER A 20 -2.18 5.54 -7.75
C SER A 20 -2.70 5.65 -6.31
N ASN A 21 -1.99 6.34 -5.45
CA ASN A 21 -2.43 6.51 -4.03
C ASN A 21 -2.76 5.13 -3.41
N LEU A 22 -1.77 4.30 -3.23
CA LEU A 22 -2.01 2.95 -2.65
C LEU A 22 -1.89 2.99 -1.11
N VAL A 23 -2.66 2.16 -0.44
CA VAL A 23 -2.61 2.13 1.05
C VAL A 23 -2.31 0.71 1.53
N CYS A 24 -1.76 0.57 2.72
CA CYS A 24 -1.44 -0.79 3.24
C CYS A 24 -2.64 -1.33 4.02
N SER A 25 -3.28 -2.36 3.51
CA SER A 25 -4.48 -2.94 4.21
C SER A 25 -4.08 -3.54 5.57
N ARG A 26 -5.04 -3.89 6.37
CA ARG A 26 -4.74 -4.48 7.71
C ARG A 26 -5.00 -6.00 7.69
N ALA A 27 -5.91 -6.47 6.86
CA ALA A 27 -6.21 -7.93 6.81
C ALA A 27 -5.10 -8.66 6.03
N HIS A 28 -4.75 -8.15 4.88
CA HIS A 28 -3.67 -8.80 4.07
C HIS A 28 -2.35 -8.03 4.19
N ARG A 29 -2.37 -6.84 4.76
CA ARG A 29 -1.12 -6.04 4.92
C ARG A 29 -0.39 -5.91 3.58
N TRP A 30 -0.99 -5.24 2.63
CA TRP A 30 -0.34 -5.06 1.29
C TRP A 30 -0.79 -3.75 0.64
N CYS A 31 -0.18 -3.39 -0.46
CA CYS A 31 -0.57 -2.13 -1.16
C CYS A 31 -1.84 -2.35 -2.01
N LYS A 32 -2.87 -1.59 -1.75
CA LYS A 32 -4.13 -1.74 -2.54
C LYS A 32 -4.77 -0.37 -2.79
N TYR A 33 -5.71 -0.30 -3.70
CA TYR A 33 -6.38 1.00 -3.99
C TYR A 33 -7.90 0.86 -3.84
N GLU A 34 -8.50 1.67 -3.01
CA GLU A 34 -9.97 1.60 -2.81
C GLU A 34 -10.59 3.01 -2.82
N ILE A 35 -11.71 3.17 -3.48
CA ILE A 35 -12.37 4.51 -3.53
C ILE A 35 -13.90 4.36 -3.57
N GLU A 1 12.46 4.46 -1.81
CA GLU A 1 11.59 3.72 -2.75
C GLU A 1 10.14 3.71 -2.25
N CYS A 2 9.23 4.24 -3.03
CA CYS A 2 7.80 4.26 -2.60
C CYS A 2 7.06 3.01 -3.11
N LEU A 3 6.10 2.53 -2.36
CA LEU A 3 5.34 1.32 -2.80
C LEU A 3 4.07 1.74 -3.53
N GLY A 4 3.89 1.27 -4.75
CA GLY A 4 2.67 1.63 -5.51
C GLY A 4 1.64 0.50 -5.44
N PHE A 5 0.59 0.58 -6.21
CA PHE A 5 -0.44 -0.50 -6.20
C PHE A 5 0.18 -1.83 -6.62
N GLY A 6 -0.07 -2.88 -5.87
CA GLY A 6 0.52 -4.21 -6.21
C GLY A 6 1.71 -4.49 -5.28
N LYS A 7 2.55 -3.51 -5.05
CA LYS A 7 3.73 -3.71 -4.16
C LYS A 7 3.28 -4.02 -2.72
N GLY A 8 4.08 -4.72 -1.97
CA GLY A 8 3.70 -5.06 -0.57
C GLY A 8 3.96 -3.85 0.35
N CYS A 9 3.05 -3.59 1.25
CA CYS A 9 3.22 -2.45 2.20
C CYS A 9 2.66 -2.82 3.58
N ASN A 10 3.27 -2.33 4.62
CA ASN A 10 2.79 -2.65 6.01
C ASN A 10 1.81 -1.57 6.50
N PRO A 11 0.85 -1.99 7.29
CA PRO A 11 -0.15 -1.06 7.84
C PRO A 11 0.49 -0.15 8.90
N SER A 12 1.28 -0.71 9.79
CA SER A 12 1.95 0.12 10.84
C SER A 12 2.88 1.14 10.17
N ASN A 13 3.68 0.68 9.23
CA ASN A 13 4.60 1.61 8.51
C ASN A 13 4.00 1.94 7.14
N ASP A 14 2.85 2.58 7.13
CA ASP A 14 2.19 2.94 5.84
C ASP A 14 3.05 3.92 5.03
N GLN A 15 3.56 3.49 3.91
CA GLN A 15 4.41 4.36 3.06
C GLN A 15 4.06 4.16 1.58
N CYS A 16 2.79 4.06 1.26
CA CYS A 16 2.37 3.86 -0.16
C CYS A 16 2.50 5.16 -0.96
N CYS A 17 2.45 5.07 -2.27
CA CYS A 17 2.56 6.28 -3.11
C CYS A 17 1.26 7.09 -3.09
N LYS A 18 1.35 8.39 -2.98
CA LYS A 18 0.12 9.24 -2.95
C LYS A 18 -0.30 9.66 -4.37
N SER A 19 0.32 9.11 -5.40
CA SER A 19 -0.05 9.49 -6.80
C SER A 19 -1.42 8.93 -7.15
N SER A 20 -1.70 7.71 -6.73
CA SER A 20 -3.04 7.09 -7.03
C SER A 20 -3.86 6.91 -5.74
N ASN A 21 -3.48 7.58 -4.67
CA ASN A 21 -4.23 7.46 -3.38
C ASN A 21 -4.44 5.98 -3.02
N LEU A 22 -3.38 5.29 -2.65
CA LEU A 22 -3.50 3.85 -2.31
C LEU A 22 -3.31 3.64 -0.79
N VAL A 23 -3.69 2.50 -0.29
CA VAL A 23 -3.54 2.23 1.18
C VAL A 23 -2.89 0.85 1.40
N CYS A 24 -2.08 0.73 2.42
CA CYS A 24 -1.41 -0.59 2.70
C CYS A 24 -2.36 -1.51 3.47
N SER A 25 -2.53 -2.72 3.01
CA SER A 25 -3.45 -3.67 3.72
C SER A 25 -2.73 -4.38 4.87
N ARG A 26 -3.45 -5.18 5.63
CA ARG A 26 -2.83 -5.90 6.78
C ARG A 26 -2.73 -7.40 6.49
N ALA A 27 -3.82 -8.00 6.04
CA ALA A 27 -3.80 -9.47 5.72
C ALA A 27 -2.98 -9.73 4.45
N HIS A 28 -3.18 -8.93 3.44
CA HIS A 28 -2.41 -9.12 2.18
C HIS A 28 -1.09 -8.32 2.21
N ARG A 29 -0.97 -7.37 3.14
CA ARG A 29 0.28 -6.56 3.24
C ARG A 29 0.68 -5.99 1.87
N TRP A 30 -0.21 -5.27 1.25
CA TRP A 30 0.12 -4.67 -0.09
C TRP A 30 -0.65 -3.36 -0.30
N CYS A 31 -0.29 -2.60 -1.30
CA CYS A 31 -0.99 -1.32 -1.57
C CYS A 31 -2.22 -1.55 -2.46
N LYS A 32 -3.37 -1.16 -2.01
CA LYS A 32 -4.62 -1.35 -2.83
C LYS A 32 -5.39 -0.04 -2.95
N TYR A 33 -6.43 -0.03 -3.74
CA TYR A 33 -7.25 1.22 -3.91
C TYR A 33 -8.35 1.28 -2.83
N GLU A 34 -9.19 2.30 -2.88
CA GLU A 34 -10.28 2.42 -1.86
C GLU A 34 -11.62 2.65 -2.56
N ILE A 35 -12.12 1.65 -3.26
CA ILE A 35 -13.43 1.79 -3.97
C ILE A 35 -14.29 0.54 -3.75
N GLU A 1 -3.65 -2.91 12.47
CA GLU A 1 -2.98 -2.04 11.47
C GLU A 1 -3.46 -2.39 10.05
N CYS A 2 -4.31 -1.56 9.48
CA CYS A 2 -4.81 -1.85 8.09
C CYS A 2 -5.08 -0.54 7.34
N LEU A 3 -4.48 -0.37 6.19
CA LEU A 3 -4.70 0.87 5.40
C LEU A 3 -5.51 0.57 4.13
N GLY A 4 -6.41 1.44 3.77
CA GLY A 4 -7.25 1.18 2.55
C GLY A 4 -6.66 1.92 1.34
N PHE A 5 -7.48 2.25 0.37
CA PHE A 5 -6.98 2.97 -0.84
C PHE A 5 -6.76 4.45 -0.52
N GLY A 6 -5.71 5.02 -1.04
CA GLY A 6 -5.42 6.47 -0.77
C GLY A 6 -4.77 6.62 0.62
N LYS A 7 -3.83 5.77 0.94
CA LYS A 7 -3.15 5.85 2.26
C LYS A 7 -1.63 5.93 2.06
N GLY A 8 -1.03 7.04 2.44
CA GLY A 8 0.45 7.20 2.26
C GLY A 8 1.20 6.13 3.07
N CYS A 9 2.09 5.42 2.44
CA CYS A 9 2.88 4.37 3.16
C CYS A 9 4.31 4.32 2.62
N ASN A 10 5.15 3.47 3.18
CA ASN A 10 6.55 3.35 2.69
C ASN A 10 6.70 2.11 1.80
N PRO A 11 7.55 2.22 0.80
CA PRO A 11 7.78 1.10 -0.13
C PRO A 11 8.51 -0.06 0.58
N SER A 12 9.46 0.24 1.42
CA SER A 12 10.20 -0.84 2.15
C SER A 12 9.38 -1.31 3.36
N ASN A 13 8.78 -0.39 4.09
CA ASN A 13 7.96 -0.79 5.28
C ASN A 13 6.48 -0.54 4.99
N ASP A 14 5.93 -1.25 4.03
CA ASP A 14 4.49 -1.07 3.70
C ASP A 14 3.62 -1.96 4.59
N GLN A 15 2.43 -1.51 4.92
CA GLN A 15 1.53 -2.31 5.79
C GLN A 15 0.05 -2.02 5.45
N CYS A 16 -0.33 -2.22 4.22
CA CYS A 16 -1.75 -1.96 3.81
C CYS A 16 -2.64 -3.13 4.23
N CYS A 17 -3.95 -2.98 4.10
CA CYS A 17 -4.89 -4.07 4.49
C CYS A 17 -4.98 -5.13 3.39
N LYS A 18 -4.99 -6.39 3.76
CA LYS A 18 -5.08 -7.48 2.74
C LYS A 18 -6.52 -7.69 2.28
N SER A 19 -7.50 -7.19 3.01
CA SER A 19 -8.92 -7.36 2.60
C SER A 19 -9.15 -6.77 1.20
N SER A 20 -8.60 -5.61 0.93
CA SER A 20 -8.77 -4.98 -0.41
C SER A 20 -7.54 -5.23 -1.29
N ASN A 21 -6.58 -6.02 -0.82
CA ASN A 21 -5.36 -6.31 -1.63
C ASN A 21 -4.71 -5.02 -2.13
N LEU A 22 -4.10 -4.26 -1.24
CA LEU A 22 -3.44 -2.98 -1.66
C LEU A 22 -1.93 -3.05 -1.42
N VAL A 23 -1.16 -2.42 -2.28
CA VAL A 23 0.33 -2.42 -2.09
C VAL A 23 0.87 -0.99 -2.13
N CYS A 24 1.96 -0.74 -1.43
CA CYS A 24 2.53 0.65 -1.41
C CYS A 24 3.25 0.95 -2.74
N SER A 25 3.16 2.17 -3.20
CA SER A 25 3.83 2.54 -4.50
C SER A 25 4.99 3.52 -4.24
N ARG A 26 5.83 3.71 -5.22
CA ARG A 26 6.98 4.64 -5.05
C ARG A 26 6.68 6.00 -5.70
N ALA A 27 5.74 6.06 -6.61
CA ALA A 27 5.40 7.36 -7.29
C ALA A 27 5.01 8.41 -6.26
N HIS A 28 4.09 8.09 -5.39
CA HIS A 28 3.65 9.08 -4.34
C HIS A 28 3.67 8.45 -2.95
N ARG A 29 4.35 7.33 -2.78
CA ARG A 29 4.40 6.65 -1.44
C ARG A 29 2.98 6.49 -0.88
N TRP A 30 2.17 5.68 -1.52
CA TRP A 30 0.78 5.47 -1.02
C TRP A 30 0.29 4.06 -1.37
N CYS A 31 -0.89 3.70 -0.92
CA CYS A 31 -1.43 2.34 -1.20
C CYS A 31 -2.24 2.35 -2.50
N LYS A 32 -1.82 1.58 -3.48
CA LYS A 32 -2.56 1.53 -4.78
C LYS A 32 -3.09 0.10 -5.02
N TYR A 33 -4.10 -0.03 -5.85
CA TYR A 33 -4.67 -1.38 -6.13
C TYR A 33 -4.19 -1.89 -7.50
N GLU A 34 -3.06 -2.58 -7.52
CA GLU A 34 -2.52 -3.11 -8.81
C GLU A 34 -2.32 -1.99 -9.84
N ILE A 35 -2.07 -2.34 -11.07
CA ILE A 35 -1.87 -1.31 -12.14
C ILE A 35 -3.23 -0.71 -12.56
N GLU A 1 12.23 1.78 -4.36
CA GLU A 1 11.34 1.28 -3.27
C GLU A 1 9.89 1.72 -3.52
N CYS A 2 9.22 1.09 -4.45
CA CYS A 2 7.80 1.47 -4.76
C CYS A 2 6.94 0.21 -4.96
N LEU A 3 5.81 0.15 -4.29
CA LEU A 3 4.92 -1.03 -4.44
C LEU A 3 3.66 -0.66 -5.25
N GLY A 4 3.56 -1.17 -6.46
CA GLY A 4 2.37 -0.84 -7.31
C GLY A 4 1.10 -1.49 -6.73
N PHE A 5 -0.03 -1.17 -7.28
CA PHE A 5 -1.32 -1.76 -6.77
C PHE A 5 -1.28 -3.29 -6.88
N GLY A 6 -1.31 -3.98 -5.77
CA GLY A 6 -1.28 -5.47 -5.79
C GLY A 6 0.08 -5.96 -5.25
N LYS A 7 0.50 -5.43 -4.12
CA LYS A 7 1.81 -5.87 -3.53
C LYS A 7 1.72 -5.88 -2.00
N GLY A 8 2.17 -6.94 -1.39
CA GLY A 8 2.11 -7.03 0.11
C GLY A 8 3.04 -5.98 0.73
N CYS A 9 2.55 -5.28 1.74
CA CYS A 9 3.39 -4.24 2.42
C CYS A 9 3.13 -4.28 3.93
N ASN A 10 3.70 -3.35 4.66
CA ASN A 10 3.49 -3.33 6.15
C ASN A 10 2.62 -2.13 6.55
N PRO A 11 1.79 -2.34 7.55
CA PRO A 11 0.88 -1.26 8.03
C PRO A 11 1.69 -0.15 8.73
N SER A 12 2.73 -0.52 9.44
CA SER A 12 3.57 0.51 10.14
C SER A 12 4.54 1.15 9.14
N ASN A 13 4.95 0.41 8.14
CA ASN A 13 5.90 0.95 7.12
C ASN A 13 5.18 1.10 5.77
N ASP A 14 4.20 1.98 5.71
CA ASP A 14 3.45 2.17 4.43
C ASP A 14 4.39 2.74 3.36
N GLN A 15 4.64 1.99 2.32
CA GLN A 15 5.55 2.47 1.24
C GLN A 15 4.99 2.12 -0.16
N CYS A 16 3.69 2.21 -0.33
CA CYS A 16 3.08 1.89 -1.65
C CYS A 16 3.46 2.99 -2.66
N CYS A 17 3.27 2.73 -3.93
CA CYS A 17 3.62 3.76 -4.96
C CYS A 17 2.68 4.97 -4.85
N LYS A 18 3.23 6.15 -4.83
CA LYS A 18 2.39 7.38 -4.71
C LYS A 18 1.74 7.75 -6.06
N SER A 19 2.16 7.12 -7.14
CA SER A 19 1.56 7.43 -8.47
C SER A 19 0.05 7.21 -8.45
N SER A 20 -0.41 6.13 -7.85
CA SER A 20 -1.87 5.85 -7.79
C SER A 20 -2.40 6.06 -6.36
N ASN A 21 -1.63 6.70 -5.50
CA ASN A 21 -2.09 6.95 -4.09
C ASN A 21 -2.61 5.66 -3.45
N LEU A 22 -1.74 4.69 -3.28
CA LEU A 22 -2.18 3.39 -2.67
C LEU A 22 -1.83 3.36 -1.17
N VAL A 23 -2.56 2.59 -0.41
CA VAL A 23 -2.28 2.50 1.06
C VAL A 23 -2.17 1.04 1.50
N CYS A 24 -1.38 0.76 2.50
CA CYS A 24 -1.23 -0.66 2.97
C CYS A 24 -2.44 -1.07 3.82
N SER A 25 -3.23 -1.99 3.32
CA SER A 25 -4.43 -2.44 4.09
C SER A 25 -4.00 -3.35 5.24
N ARG A 26 -4.76 -3.35 6.32
CA ARG A 26 -4.41 -4.23 7.48
C ARG A 26 -5.07 -5.61 7.35
N ALA A 27 -6.09 -5.74 6.52
CA ALA A 27 -6.76 -7.06 6.36
C ALA A 27 -5.87 -8.03 5.58
N HIS A 28 -5.31 -7.59 4.48
CA HIS A 28 -4.43 -8.48 3.67
C HIS A 28 -2.98 -7.97 3.67
N ARG A 29 -2.70 -6.87 4.34
CA ARG A 29 -1.30 -6.33 4.38
C ARG A 29 -0.76 -6.13 2.96
N TRP A 30 -1.42 -5.31 2.17
CA TRP A 30 -0.96 -5.06 0.78
C TRP A 30 -1.35 -3.65 0.32
N CYS A 31 -0.80 -3.20 -0.78
CA CYS A 31 -1.12 -1.83 -1.28
C CYS A 31 -2.47 -1.84 -2.02
N LYS A 32 -3.49 -1.34 -1.39
CA LYS A 32 -4.84 -1.31 -2.04
C LYS A 32 -5.19 0.11 -2.50
N TYR A 33 -6.19 0.25 -3.32
CA TYR A 33 -6.60 1.61 -3.80
C TYR A 33 -7.92 2.03 -3.16
N GLU A 34 -8.12 3.31 -2.93
CA GLU A 34 -9.38 3.77 -2.30
C GLU A 34 -10.53 3.81 -3.33
N ILE A 35 -11.75 3.78 -2.87
CA ILE A 35 -12.91 3.79 -3.81
C ILE A 35 -13.06 5.19 -4.43
N GLU A 1 12.99 3.17 -1.45
CA GLU A 1 11.95 3.06 -2.52
C GLU A 1 10.56 2.87 -1.91
N CYS A 2 9.55 3.48 -2.48
CA CYS A 2 8.17 3.33 -1.94
C CYS A 2 7.36 2.36 -2.80
N LEU A 3 6.22 1.92 -2.31
CA LEU A 3 5.38 0.97 -3.10
C LEU A 3 4.18 1.70 -3.73
N GLY A 4 3.61 1.15 -4.78
CA GLY A 4 2.45 1.81 -5.44
C GLY A 4 1.27 0.84 -5.52
N PHE A 5 0.42 1.02 -6.49
CA PHE A 5 -0.76 0.11 -6.65
C PHE A 5 -0.32 -1.25 -7.19
N GLY A 6 -0.87 -2.31 -6.67
CA GLY A 6 -0.49 -3.68 -7.15
C GLY A 6 0.89 -4.06 -6.59
N LYS A 7 1.17 -3.69 -5.35
CA LYS A 7 2.50 -4.03 -4.76
C LYS A 7 2.32 -4.62 -3.35
N GLY A 8 2.89 -5.76 -3.10
CA GLY A 8 2.74 -6.39 -1.75
C GLY A 8 3.46 -5.53 -0.69
N CYS A 9 2.80 -5.26 0.41
CA CYS A 9 3.43 -4.43 1.48
C CYS A 9 3.00 -4.94 2.87
N ASN A 10 3.47 -4.30 3.92
CA ASN A 10 3.09 -4.75 5.30
C ASN A 10 2.17 -3.71 5.95
N PRO A 11 1.17 -4.19 6.64
CA PRO A 11 0.20 -3.30 7.32
C PRO A 11 0.86 -2.64 8.55
N SER A 12 1.66 -3.38 9.29
CA SER A 12 2.34 -2.78 10.49
C SER A 12 3.33 -1.71 10.04
N ASN A 13 4.24 -2.04 9.15
CA ASN A 13 5.23 -1.04 8.66
C ASN A 13 4.85 -0.59 7.25
N ASP A 14 3.70 0.04 7.10
CA ASP A 14 3.25 0.50 5.76
C ASP A 14 4.22 1.57 5.22
N GLN A 15 4.68 1.40 4.01
CA GLN A 15 5.61 2.40 3.41
C GLN A 15 5.24 2.66 1.94
N CYS A 16 3.96 2.80 1.66
CA CYS A 16 3.53 3.06 0.26
C CYS A 16 3.75 4.53 -0.11
N CYS A 17 3.94 4.81 -1.37
CA CYS A 17 4.16 6.22 -1.81
C CYS A 17 2.89 7.05 -1.59
N LYS A 18 3.03 8.27 -1.12
CA LYS A 18 1.83 9.12 -0.88
C LYS A 18 1.41 9.86 -2.16
N SER A 19 2.08 9.63 -3.27
CA SER A 19 1.70 10.33 -4.54
C SER A 19 0.24 9.99 -4.91
N SER A 20 -0.11 8.73 -4.85
CA SER A 20 -1.53 8.32 -5.18
C SER A 20 -2.32 8.02 -3.90
N ASN A 21 -1.72 8.23 -2.73
CA ASN A 21 -2.43 7.96 -1.44
C ASN A 21 -2.93 6.51 -1.39
N LEU A 22 -2.01 5.57 -1.38
CA LEU A 22 -2.43 4.12 -1.33
C LEU A 22 -2.43 3.61 0.12
N VAL A 23 -3.12 2.53 0.38
CA VAL A 23 -3.16 1.97 1.78
C VAL A 23 -2.80 0.48 1.75
N CYS A 24 -2.09 0.03 2.76
CA CYS A 24 -1.69 -1.41 2.81
C CYS A 24 -2.84 -2.25 3.40
N SER A 25 -3.39 -3.15 2.62
CA SER A 25 -4.51 -4.00 3.11
C SER A 25 -3.96 -5.27 3.76
N ARG A 26 -4.61 -5.75 4.79
CA ARG A 26 -4.13 -6.99 5.47
C ARG A 26 -4.70 -8.25 4.80
N ALA A 27 -5.75 -8.11 4.01
CA ALA A 27 -6.33 -9.30 3.33
C ALA A 27 -5.30 -9.97 2.41
N HIS A 28 -4.71 -9.23 1.52
CA HIS A 28 -3.69 -9.82 0.60
C HIS A 28 -2.31 -9.17 0.82
N ARG A 29 -2.10 -8.51 1.94
CA ARG A 29 -0.79 -7.85 2.23
C ARG A 29 -0.27 -7.08 1.00
N TRP A 30 -1.05 -6.14 0.52
CA TRP A 30 -0.61 -5.35 -0.67
C TRP A 30 -1.15 -3.93 -0.59
N CYS A 31 -0.74 -3.07 -1.48
CA CYS A 31 -1.23 -1.65 -1.45
C CYS A 31 -2.32 -1.44 -2.51
N LYS A 32 -3.38 -0.78 -2.14
CA LYS A 32 -4.49 -0.52 -3.11
C LYS A 32 -5.05 0.90 -2.93
N TYR A 33 -5.77 1.40 -3.89
CA TYR A 33 -6.34 2.77 -3.77
C TYR A 33 -7.85 2.69 -3.50
N GLU A 34 -8.24 2.81 -2.25
CA GLU A 34 -9.70 2.75 -1.91
C GLU A 34 -10.16 4.08 -1.32
N ILE A 35 -10.73 4.93 -2.13
CA ILE A 35 -11.21 6.25 -1.62
C ILE A 35 -12.68 6.49 -2.02
N GLU A 1 11.94 4.14 -5.31
CA GLU A 1 10.60 4.67 -5.69
C GLU A 1 9.52 4.13 -4.74
N CYS A 2 8.34 4.70 -4.81
CA CYS A 2 7.22 4.23 -3.92
C CYS A 2 6.78 2.81 -4.30
N LEU A 3 5.97 2.19 -3.48
CA LEU A 3 5.48 0.81 -3.79
C LEU A 3 4.13 0.88 -4.49
N GLY A 4 4.06 0.40 -5.71
CA GLY A 4 2.76 0.43 -6.46
C GLY A 4 1.85 -0.71 -6.01
N PHE A 5 0.82 -0.99 -6.77
CA PHE A 5 -0.11 -2.10 -6.39
C PHE A 5 0.60 -3.46 -6.54
N GLY A 6 0.45 -4.33 -5.57
CA GLY A 6 1.11 -5.66 -5.64
C GLY A 6 2.21 -5.73 -4.57
N LYS A 7 2.96 -4.67 -4.39
CA LYS A 7 4.03 -4.66 -3.36
C LYS A 7 3.41 -4.58 -1.94
N GLY A 8 4.23 -4.69 -0.92
CA GLY A 8 3.68 -4.62 0.47
C GLY A 8 4.52 -3.65 1.32
N CYS A 9 3.92 -3.07 2.32
CA CYS A 9 4.66 -2.12 3.21
C CYS A 9 4.08 -2.14 4.63
N ASN A 10 4.60 -1.33 5.52
CA ASN A 10 4.08 -1.30 6.93
C ASN A 10 2.84 -0.40 7.03
N PRO A 11 1.94 -0.77 7.92
CA PRO A 11 0.70 0.02 8.11
C PRO A 11 0.99 1.36 8.81
N SER A 12 1.80 1.34 9.86
CA SER A 12 2.12 2.61 10.57
C SER A 12 3.00 3.52 9.69
N ASN A 13 3.99 2.95 9.06
CA ASN A 13 4.87 3.76 8.16
C ASN A 13 4.69 3.31 6.71
N ASP A 14 3.53 3.55 6.14
CA ASP A 14 3.26 3.13 4.74
C ASP A 14 3.87 4.12 3.74
N GLN A 15 4.26 3.63 2.58
CA GLN A 15 4.86 4.51 1.54
C GLN A 15 4.41 4.05 0.14
N CYS A 16 3.15 3.71 -0.01
CA CYS A 16 2.64 3.25 -1.33
C CYS A 16 2.67 4.41 -2.34
N CYS A 17 2.52 4.11 -3.61
CA CYS A 17 2.54 5.19 -4.65
C CYS A 17 1.23 5.99 -4.62
N LYS A 18 1.32 7.30 -4.77
CA LYS A 18 0.08 8.14 -4.74
C LYS A 18 -0.52 8.28 -6.16
N SER A 19 0.05 7.64 -7.15
CA SER A 19 -0.51 7.74 -8.53
C SER A 19 -1.91 7.10 -8.59
N SER A 20 -2.08 5.95 -7.98
CA SER A 20 -3.42 5.28 -7.99
C SER A 20 -4.07 5.34 -6.59
N ASN A 21 -3.60 6.20 -5.72
CA ASN A 21 -4.19 6.30 -4.34
C ASN A 21 -4.22 4.92 -3.68
N LEU A 22 -3.09 4.25 -3.61
CA LEU A 22 -3.05 2.90 -2.98
C LEU A 22 -2.75 3.01 -1.48
N VAL A 23 -3.40 2.19 -0.67
CA VAL A 23 -3.16 2.24 0.80
C VAL A 23 -2.59 0.91 1.30
N CYS A 24 -1.80 0.94 2.35
CA CYS A 24 -1.23 -0.34 2.88
C CYS A 24 -2.15 -0.95 3.95
N SER A 25 -2.34 -2.24 3.90
CA SER A 25 -3.24 -2.90 4.90
C SER A 25 -2.40 -3.54 6.02
N ARG A 26 -2.88 -3.53 7.23
CA ARG A 26 -2.12 -4.13 8.37
C ARG A 26 -2.36 -5.65 8.44
N ALA A 27 -3.40 -6.15 7.80
CA ALA A 27 -3.68 -7.61 7.84
C ALA A 27 -2.64 -8.38 7.01
N HIS A 28 -2.38 -7.94 5.80
CA HIS A 28 -1.38 -8.65 4.95
C HIS A 28 -0.18 -7.74 4.65
N ARG A 29 -0.10 -6.58 5.26
CA ARG A 29 1.04 -5.64 4.99
C ARG A 29 1.24 -5.45 3.49
N TRP A 30 0.17 -5.32 2.75
CA TRP A 30 0.27 -5.14 1.27
C TRP A 30 -0.47 -3.88 0.81
N CYS A 31 -0.17 -3.41 -0.38
CA CYS A 31 -0.85 -2.18 -0.90
C CYS A 31 -2.12 -2.57 -1.66
N LYS A 32 -3.18 -1.83 -1.48
CA LYS A 32 -4.46 -2.15 -2.19
C LYS A 32 -5.25 -0.86 -2.50
N TYR A 33 -6.09 -0.90 -3.50
CA TYR A 33 -6.89 0.32 -3.85
C TYR A 33 -8.36 0.08 -3.49
N GLU A 34 -8.83 0.73 -2.45
CA GLU A 34 -10.27 0.54 -2.05
C GLU A 34 -11.18 1.44 -2.90
N ILE A 35 -12.47 1.21 -2.87
CA ILE A 35 -13.41 2.04 -3.68
C ILE A 35 -13.64 3.40 -3.00
N GLU A 1 0.58 -8.45 11.12
CA GLU A 1 -0.45 -7.38 10.96
C GLU A 1 -0.34 -6.74 9.57
N CYS A 2 -1.45 -6.49 8.93
CA CYS A 2 -1.41 -5.86 7.57
C CYS A 2 -1.26 -4.34 7.68
N LEU A 3 -1.01 -3.67 6.58
CA LEU A 3 -0.84 -2.18 6.62
C LEU A 3 -2.15 -1.50 6.21
N GLY A 4 -2.51 -0.43 6.88
CA GLY A 4 -3.77 0.28 6.54
C GLY A 4 -3.44 1.58 5.80
N PHE A 5 -4.37 2.50 5.74
CA PHE A 5 -4.11 3.80 5.04
C PHE A 5 -3.21 4.68 5.90
N GLY A 6 -2.16 5.20 5.34
CA GLY A 6 -1.23 6.08 6.12
C GLY A 6 -0.11 5.23 6.72
N LYS A 7 0.47 4.36 5.94
CA LYS A 7 1.57 3.49 6.46
C LYS A 7 2.62 3.25 5.37
N GLY A 8 3.88 3.44 5.68
CA GLY A 8 4.96 3.23 4.66
C GLY A 8 5.06 1.74 4.32
N CYS A 9 5.19 1.41 3.06
CA CYS A 9 5.30 -0.02 2.65
C CYS A 9 6.24 -0.17 1.44
N ASN A 10 6.37 -1.36 0.92
CA ASN A 10 7.27 -1.57 -0.25
C ASN A 10 6.44 -1.85 -1.52
N PRO A 11 6.86 -1.26 -2.61
CA PRO A 11 6.14 -1.44 -3.90
C PRO A 11 6.35 -2.87 -4.44
N SER A 12 7.55 -3.39 -4.33
CA SER A 12 7.82 -4.77 -4.83
C SER A 12 7.15 -5.80 -3.92
N ASN A 13 7.25 -5.62 -2.62
CA ASN A 13 6.61 -6.58 -1.67
C ASN A 13 5.39 -5.92 -1.03
N ASP A 14 4.36 -5.68 -1.82
CA ASP A 14 3.12 -5.03 -1.27
C ASP A 14 2.46 -5.93 -0.21
N GLN A 15 2.51 -5.53 1.04
CA GLN A 15 1.89 -6.34 2.12
C GLN A 15 0.83 -5.50 2.85
N CYS A 16 0.03 -4.78 2.12
CA CYS A 16 -1.03 -3.93 2.75
C CYS A 16 -2.32 -4.75 2.95
N CYS A 17 -3.25 -4.23 3.69
CA CYS A 17 -4.54 -4.96 3.92
C CYS A 17 -5.41 -4.90 2.66
N LYS A 18 -5.70 -6.03 2.06
CA LYS A 18 -6.55 -6.04 0.82
C LYS A 18 -8.01 -5.74 1.16
N SER A 19 -8.40 -5.86 2.41
CA SER A 19 -9.82 -5.57 2.79
C SER A 19 -10.17 -4.10 2.51
N SER A 20 -9.23 -3.20 2.73
CA SER A 20 -9.49 -1.75 2.48
C SER A 20 -9.14 -1.36 1.03
N ASN A 21 -8.75 -2.33 0.20
CA ASN A 21 -8.39 -2.03 -1.22
C ASN A 21 -7.33 -0.91 -1.28
N LEU A 22 -6.23 -1.10 -0.59
CA LEU A 22 -5.16 -0.05 -0.61
C LEU A 22 -3.93 -0.56 -1.37
N VAL A 23 -3.19 0.32 -2.00
CA VAL A 23 -1.98 -0.11 -2.77
C VAL A 23 -0.77 0.71 -2.34
N CYS A 24 0.41 0.12 -2.39
CA CYS A 24 1.65 0.85 -1.99
C CYS A 24 2.17 1.70 -3.16
N SER A 25 2.30 2.98 -2.96
CA SER A 25 2.80 3.87 -4.05
C SER A 25 4.33 3.95 -4.01
N ARG A 26 4.93 4.57 -5.01
CA ARG A 26 6.42 4.69 -5.03
C ARG A 26 6.87 6.11 -4.66
N ALA A 27 6.11 7.11 -5.04
CA ALA A 27 6.48 8.53 -4.71
C ALA A 27 6.68 8.69 -3.20
N HIS A 28 5.70 8.34 -2.42
CA HIS A 28 5.83 8.47 -0.94
C HIS A 28 6.11 7.10 -0.30
N ARG A 29 6.06 6.03 -1.07
CA ARG A 29 6.34 4.67 -0.50
C ARG A 29 5.39 4.36 0.65
N TRP A 30 4.10 4.48 0.43
CA TRP A 30 3.11 4.19 1.51
C TRP A 30 1.80 3.67 0.90
N CYS A 31 0.91 3.17 1.72
CA CYS A 31 -0.38 2.64 1.19
C CYS A 31 -1.43 3.76 1.08
N LYS A 32 -2.05 3.88 -0.07
CA LYS A 32 -3.09 4.94 -0.26
C LYS A 32 -4.29 4.40 -1.04
N TYR A 33 -5.35 5.16 -1.13
CA TYR A 33 -6.55 4.69 -1.89
C TYR A 33 -6.76 5.57 -3.13
N GLU A 34 -7.14 4.96 -4.23
CA GLU A 34 -7.38 5.75 -5.48
C GLU A 34 -8.80 6.35 -5.46
N ILE A 35 -8.92 7.60 -5.82
CA ILE A 35 -10.28 8.24 -5.84
C ILE A 35 -10.78 8.38 -7.28
N GLU A 1 12.00 3.22 -4.67
CA GLU A 1 11.85 2.09 -3.70
C GLU A 1 10.51 2.20 -2.98
N CYS A 2 9.44 1.80 -3.63
CA CYS A 2 8.09 1.88 -2.98
C CYS A 2 7.18 0.76 -3.50
N LEU A 3 6.05 0.55 -2.86
CA LEU A 3 5.11 -0.52 -3.31
C LEU A 3 4.02 0.08 -4.20
N GLY A 4 3.61 -0.64 -5.21
CA GLY A 4 2.53 -0.12 -6.12
C GLY A 4 1.20 -0.78 -5.78
N PHE A 5 0.23 -0.67 -6.65
CA PHE A 5 -1.11 -1.28 -6.38
C PHE A 5 -1.07 -2.78 -6.69
N GLY A 6 -1.66 -3.59 -5.86
CA GLY A 6 -1.65 -5.07 -6.09
C GLY A 6 -0.32 -5.66 -5.60
N LYS A 7 0.08 -5.32 -4.40
CA LYS A 7 1.36 -5.85 -3.86
C LYS A 7 1.23 -6.13 -2.36
N GLY A 8 1.50 -7.36 -1.94
CA GLY A 8 1.38 -7.71 -0.50
C GLY A 8 2.47 -6.99 0.30
N CYS A 9 2.08 -6.18 1.25
CA CYS A 9 3.09 -5.43 2.08
C CYS A 9 2.65 -5.43 3.55
N ASN A 10 3.55 -5.07 4.45
CA ASN A 10 3.20 -5.04 5.90
C ASN A 10 2.42 -3.75 6.23
N PRO A 11 1.39 -3.89 7.03
CA PRO A 11 0.56 -2.72 7.43
C PRO A 11 1.35 -1.79 8.35
N SER A 12 2.13 -2.34 9.26
CA SER A 12 2.95 -1.48 10.17
C SER A 12 4.05 -0.77 9.38
N ASN A 13 4.72 -1.49 8.51
CA ASN A 13 5.81 -0.86 7.69
C ASN A 13 5.35 -0.73 6.24
N ASP A 14 4.28 -0.01 6.00
CA ASP A 14 3.77 0.16 4.61
C ASP A 14 4.55 1.28 3.90
N GLN A 15 5.33 0.93 2.91
CA GLN A 15 6.11 1.96 2.17
C GLN A 15 5.58 2.08 0.74
N CYS A 16 4.27 2.20 0.59
CA CYS A 16 3.67 2.32 -0.77
C CYS A 16 3.98 3.70 -1.36
N CYS A 17 4.05 3.78 -2.67
CA CYS A 17 4.36 5.09 -3.33
C CYS A 17 3.24 6.10 -3.06
N LYS A 18 3.57 7.22 -2.47
CA LYS A 18 2.53 8.27 -2.18
C LYS A 18 2.07 8.97 -3.48
N SER A 19 2.85 8.86 -4.53
CA SER A 19 2.46 9.53 -5.83
C SER A 19 1.12 8.97 -6.34
N SER A 20 0.87 7.70 -6.16
CA SER A 20 -0.42 7.11 -6.63
C SER A 20 -1.41 6.93 -5.46
N ASN A 21 -1.11 7.49 -4.31
CA ASN A 21 -2.03 7.36 -3.12
C ASN A 21 -2.36 5.89 -2.84
N LEU A 22 -1.41 5.14 -2.35
CA LEU A 22 -1.65 3.69 -2.05
C LEU A 22 -1.35 3.39 -0.58
N VAL A 23 -2.17 2.58 0.04
CA VAL A 23 -1.96 2.22 1.47
C VAL A 23 -2.14 0.71 1.67
N CYS A 24 -1.44 0.12 2.62
CA CYS A 24 -1.58 -1.34 2.85
C CYS A 24 -2.79 -1.63 3.74
N SER A 25 -3.71 -2.43 3.27
CA SER A 25 -4.91 -2.76 4.09
C SER A 25 -4.70 -4.08 4.85
N ARG A 26 -5.37 -4.26 5.95
CA ARG A 26 -5.21 -5.52 6.74
C ARG A 26 -6.14 -6.63 6.20
N ALA A 27 -7.06 -6.29 5.34
CA ALA A 27 -7.99 -7.32 4.78
C ALA A 27 -7.20 -8.41 4.05
N HIS A 28 -6.26 -8.02 3.23
CA HIS A 28 -5.44 -9.03 2.48
C HIS A 28 -3.94 -8.69 2.57
N ARG A 29 -3.55 -7.88 3.55
CA ARG A 29 -2.11 -7.50 3.70
C ARG A 29 -1.51 -7.08 2.34
N TRP A 30 -2.12 -6.13 1.68
CA TRP A 30 -1.60 -5.66 0.36
C TRP A 30 -1.84 -4.16 0.19
N CYS A 31 -1.23 -3.57 -0.81
CA CYS A 31 -1.39 -2.10 -1.05
C CYS A 31 -2.59 -1.84 -1.98
N LYS A 32 -3.47 -0.94 -1.58
CA LYS A 32 -4.66 -0.61 -2.43
C LYS A 32 -4.83 0.90 -2.53
N TYR A 33 -5.70 1.35 -3.40
CA TYR A 33 -5.93 2.82 -3.57
C TYR A 33 -7.09 3.28 -2.67
N GLU A 34 -6.98 4.45 -2.12
CA GLU A 34 -8.08 4.97 -1.25
C GLU A 34 -8.86 6.07 -1.98
N ILE A 35 -10.13 5.87 -2.19
CA ILE A 35 -10.94 6.91 -2.89
C ILE A 35 -11.50 7.95 -1.90
N GLU A 1 13.01 -0.66 -4.35
CA GLU A 1 12.20 0.40 -5.02
C GLU A 1 10.88 0.62 -4.26
N CYS A 2 10.08 1.57 -4.69
CA CYS A 2 8.78 1.84 -4.00
C CYS A 2 7.80 0.68 -4.22
N LEU A 3 6.96 0.43 -3.26
CA LEU A 3 5.97 -0.70 -3.39
C LEU A 3 4.75 -0.23 -4.18
N GLY A 4 4.64 -0.65 -5.43
CA GLY A 4 3.48 -0.24 -6.27
C GLY A 4 2.26 -1.11 -5.95
N PHE A 5 1.44 -1.38 -6.93
CA PHE A 5 0.23 -2.22 -6.70
C PHE A 5 0.62 -3.70 -6.63
N GLY A 6 0.10 -4.41 -5.65
CA GLY A 6 0.44 -5.85 -5.51
C GLY A 6 1.70 -6.01 -4.68
N LYS A 7 1.84 -5.22 -3.64
CA LYS A 7 3.05 -5.32 -2.76
C LYS A 7 2.64 -5.28 -1.28
N GLY A 8 3.09 -6.23 -0.51
CA GLY A 8 2.73 -6.25 0.94
C GLY A 8 3.55 -5.20 1.70
N CYS A 9 2.89 -4.42 2.53
CA CYS A 9 3.62 -3.38 3.32
C CYS A 9 3.04 -3.29 4.74
N ASN A 10 3.66 -2.53 5.61
CA ASN A 10 3.15 -2.42 7.01
C ASN A 10 2.08 -1.31 7.11
N PRO A 11 1.15 -1.48 8.02
CA PRO A 11 0.07 -0.48 8.23
C PRO A 11 0.65 0.80 8.84
N SER A 12 1.44 0.67 9.88
CA SER A 12 2.04 1.88 10.52
C SER A 12 3.10 2.48 9.59
N ASN A 13 3.87 1.64 8.93
CA ASN A 13 4.91 2.13 7.99
C ASN A 13 4.41 1.97 6.55
N ASP A 14 3.36 2.67 6.20
CA ASP A 14 2.80 2.57 4.81
C ASP A 14 3.84 3.06 3.78
N GLN A 15 4.36 2.15 2.99
CA GLN A 15 5.36 2.55 1.95
C GLN A 15 4.80 2.31 0.55
N CYS A 16 3.51 2.50 0.37
CA CYS A 16 2.90 2.28 -0.98
C CYS A 16 3.22 3.46 -1.90
N CYS A 17 3.27 3.24 -3.18
CA CYS A 17 3.59 4.34 -4.14
C CYS A 17 2.43 5.34 -4.21
N LYS A 18 2.73 6.61 -4.20
CA LYS A 18 1.65 7.65 -4.27
C LYS A 18 1.33 8.04 -5.72
N SER A 19 1.73 7.25 -6.68
CA SER A 19 1.42 7.58 -8.11
C SER A 19 -0.06 7.38 -8.39
N SER A 20 -0.65 6.34 -7.84
CA SER A 20 -2.10 6.08 -8.07
C SER A 20 -2.85 6.05 -6.71
N ASN A 21 -2.34 6.75 -5.72
CA ASN A 21 -2.99 6.79 -4.37
C ASN A 21 -3.24 5.35 -3.85
N LEU A 22 -2.20 4.70 -3.40
CA LEU A 22 -2.35 3.30 -2.89
C LEU A 22 -2.18 3.26 -1.36
N VAL A 23 -3.00 2.49 -0.68
CA VAL A 23 -2.88 2.40 0.80
C VAL A 23 -2.75 0.92 1.23
N CYS A 24 -2.19 0.68 2.38
CA CYS A 24 -2.02 -0.73 2.86
C CYS A 24 -3.26 -1.16 3.66
N SER A 25 -3.92 -2.22 3.25
CA SER A 25 -5.13 -2.68 3.99
C SER A 25 -4.72 -3.40 5.28
N ARG A 26 -5.63 -3.54 6.21
CA ARG A 26 -5.30 -4.23 7.50
C ARG A 26 -5.55 -5.75 7.39
N ALA A 27 -6.26 -6.19 6.37
CA ALA A 27 -6.54 -7.65 6.21
C ALA A 27 -5.43 -8.32 5.37
N HIS A 28 -5.14 -7.77 4.22
CA HIS A 28 -4.09 -8.37 3.35
C HIS A 28 -2.73 -7.66 3.55
N ARG A 29 -2.72 -6.52 4.21
CA ARG A 29 -1.44 -5.78 4.44
C ARG A 29 -0.69 -5.57 3.11
N TRP A 30 -1.34 -4.94 2.16
CA TRP A 30 -0.68 -4.70 0.83
C TRP A 30 -1.19 -3.39 0.21
N CYS A 31 -0.48 -2.88 -0.76
CA CYS A 31 -0.90 -1.60 -1.42
C CYS A 31 -2.11 -1.85 -2.33
N LYS A 32 -3.19 -1.15 -2.07
CA LYS A 32 -4.42 -1.32 -2.92
C LYS A 32 -4.99 0.05 -3.29
N TYR A 33 -5.82 0.10 -4.29
CA TYR A 33 -6.42 1.40 -4.71
C TYR A 33 -7.49 1.86 -3.71
N GLU A 34 -7.92 3.09 -3.82
CA GLU A 34 -8.96 3.62 -2.87
C GLU A 34 -10.23 2.76 -2.92
N ILE A 35 -10.54 2.09 -1.84
CA ILE A 35 -11.77 1.23 -1.82
C ILE A 35 -13.02 2.06 -1.50
N GLU A 1 13.45 2.46 -3.84
CA GLU A 1 12.19 2.10 -4.54
C GLU A 1 10.99 2.12 -3.56
N CYS A 2 9.80 1.88 -4.05
CA CYS A 2 8.60 1.88 -3.15
C CYS A 2 7.60 0.80 -3.57
N LEU A 3 6.57 0.60 -2.79
CA LEU A 3 5.56 -0.44 -3.14
C LEU A 3 4.40 0.21 -3.92
N GLY A 4 4.38 0.04 -5.21
CA GLY A 4 3.28 0.64 -6.04
C GLY A 4 1.97 -0.13 -5.82
N PHE A 5 0.97 0.15 -6.63
CA PHE A 5 -0.34 -0.56 -6.48
C PHE A 5 -0.20 -2.04 -6.87
N GLY A 6 -0.44 -2.93 -5.95
CA GLY A 6 -0.31 -4.39 -6.25
C GLY A 6 0.76 -5.01 -5.35
N LYS A 7 1.84 -4.29 -5.09
CA LYS A 7 2.93 -4.83 -4.23
C LYS A 7 2.41 -5.11 -2.80
N GLY A 8 2.99 -6.06 -2.13
CA GLY A 8 2.53 -6.38 -0.74
C GLY A 8 3.27 -5.49 0.27
N CYS A 9 2.61 -5.15 1.35
CA CYS A 9 3.26 -4.28 2.39
C CYS A 9 2.71 -4.63 3.78
N ASN A 10 3.12 -3.89 4.79
CA ASN A 10 2.61 -4.17 6.18
C ASN A 10 1.61 -3.09 6.61
N PRO A 11 0.60 -3.50 7.33
CA PRO A 11 -0.44 -2.56 7.82
C PRO A 11 0.15 -1.61 8.88
N SER A 12 0.90 -2.15 9.82
CA SER A 12 1.53 -1.28 10.86
C SER A 12 2.69 -0.49 10.24
N ASN A 13 3.42 -1.10 9.34
CA ASN A 13 4.56 -0.39 8.67
C ASN A 13 4.19 -0.08 7.22
N ASP A 14 3.23 0.80 7.03
CA ASP A 14 2.79 1.17 5.65
C ASP A 14 3.98 1.65 4.80
N GLN A 15 4.25 0.99 3.71
CA GLN A 15 5.39 1.41 2.83
C GLN A 15 4.92 1.56 1.38
N CYS A 16 3.71 2.01 1.17
CA CYS A 16 3.20 2.19 -0.23
C CYS A 16 3.82 3.42 -0.88
N CYS A 17 3.91 3.44 -2.18
CA CYS A 17 4.52 4.62 -2.88
C CYS A 17 3.57 5.83 -2.82
N LYS A 18 4.08 6.96 -2.38
CA LYS A 18 3.22 8.18 -2.27
C LYS A 18 2.91 8.77 -3.66
N SER A 19 3.77 8.53 -4.63
CA SER A 19 3.53 9.07 -6.01
C SER A 19 2.18 8.57 -6.55
N SER A 20 1.88 7.30 -6.33
CA SER A 20 0.57 6.74 -6.81
C SER A 20 -0.51 6.87 -5.73
N ASN A 21 -0.18 7.39 -4.57
CA ASN A 21 -1.19 7.55 -3.47
C ASN A 21 -1.86 6.20 -3.14
N LEU A 22 -1.20 5.37 -2.39
CA LEU A 22 -1.79 4.04 -2.05
C LEU A 22 -1.75 3.80 -0.53
N VAL A 23 -2.48 2.84 -0.05
CA VAL A 23 -2.50 2.53 1.42
C VAL A 23 -2.40 1.02 1.64
N CYS A 24 -1.67 0.61 2.64
CA CYS A 24 -1.53 -0.86 2.90
C CYS A 24 -2.80 -1.41 3.56
N SER A 25 -3.37 -2.43 2.99
CA SER A 25 -4.61 -3.03 3.57
C SER A 25 -4.25 -3.89 4.79
N ARG A 26 -5.17 -4.00 5.72
CA ARG A 26 -4.90 -4.81 6.95
C ARG A 26 -5.39 -6.27 6.77
N ALA A 27 -5.92 -6.60 5.61
CA ALA A 27 -6.41 -7.99 5.37
C ALA A 27 -5.53 -8.69 4.33
N HIS A 28 -5.30 -8.06 3.22
CA HIS A 28 -4.45 -8.68 2.16
C HIS A 28 -2.98 -8.23 2.31
N ARG A 29 -2.71 -7.29 3.18
CA ARG A 29 -1.30 -6.81 3.39
C ARG A 29 -0.68 -6.38 2.05
N TRP A 30 -1.30 -5.44 1.37
CA TRP A 30 -0.74 -4.97 0.06
C TRP A 30 -1.13 -3.49 -0.18
N CYS A 31 -0.49 -2.86 -1.11
CA CYS A 31 -0.81 -1.42 -1.40
C CYS A 31 -2.05 -1.34 -2.30
N LYS A 32 -3.10 -0.73 -1.79
CA LYS A 32 -4.35 -0.59 -2.60
C LYS A 32 -4.79 0.88 -2.65
N TYR A 33 -5.69 1.21 -3.53
CA TYR A 33 -6.16 2.61 -3.64
C TYR A 33 -7.36 2.84 -2.71
N GLU A 34 -7.29 3.85 -1.88
CA GLU A 34 -8.43 4.14 -0.95
C GLU A 34 -9.61 4.74 -1.74
N ILE A 35 -10.60 3.93 -2.03
CA ILE A 35 -11.80 4.42 -2.81
C ILE A 35 -11.35 5.07 -4.13
N GLU A 1 13.19 4.53 0.05
CA GLU A 1 12.43 3.94 -1.09
C GLU A 1 10.93 3.87 -0.76
N CYS A 2 10.09 4.27 -1.67
CA CYS A 2 8.62 4.22 -1.41
C CYS A 2 8.02 2.92 -1.96
N LEU A 3 6.96 2.45 -1.36
CA LEU A 3 6.31 1.18 -1.84
C LEU A 3 5.26 1.50 -2.91
N GLY A 4 5.47 1.04 -4.12
CA GLY A 4 4.48 1.31 -5.21
C GLY A 4 3.40 0.21 -5.21
N PHE A 5 2.58 0.19 -6.24
CA PHE A 5 1.50 -0.84 -6.31
C PHE A 5 2.11 -2.23 -6.53
N GLY A 6 1.61 -3.22 -5.82
CA GLY A 6 2.17 -4.60 -5.97
C GLY A 6 3.10 -4.92 -4.79
N LYS A 7 3.93 -3.97 -4.41
CA LYS A 7 4.87 -4.21 -3.26
C LYS A 7 4.08 -4.42 -1.96
N GLY A 8 4.70 -5.02 -0.97
CA GLY A 8 4.00 -5.25 0.32
C GLY A 8 3.83 -3.92 1.07
N CYS A 9 3.03 -3.91 2.11
CA CYS A 9 2.82 -2.64 2.87
C CYS A 9 2.69 -2.93 4.37
N ASN A 10 2.44 -1.92 5.16
CA ASN A 10 2.29 -2.10 6.63
C ASN A 10 1.00 -1.44 7.11
N PRO A 11 0.18 -2.20 7.80
CA PRO A 11 -1.10 -1.66 8.32
C PRO A 11 -0.84 -0.65 9.46
N SER A 12 0.10 -0.96 10.32
CA SER A 12 0.42 -0.02 11.44
C SER A 12 1.26 1.16 10.92
N ASN A 13 2.12 0.90 9.97
CA ASN A 13 2.97 2.00 9.39
C ASN A 13 2.77 2.06 7.87
N ASP A 14 1.65 2.57 7.43
CA ASP A 14 1.37 2.67 5.96
C ASP A 14 2.43 3.55 5.28
N GLN A 15 3.16 3.00 4.34
CA GLN A 15 4.21 3.80 3.64
C GLN A 15 4.10 3.60 2.12
N CYS A 16 2.89 3.53 1.60
CA CYS A 16 2.72 3.35 0.12
C CYS A 16 2.91 4.68 -0.60
N CYS A 17 3.15 4.63 -1.89
CA CYS A 17 3.35 5.90 -2.67
C CYS A 17 2.02 6.64 -2.82
N LYS A 18 2.04 7.95 -2.71
CA LYS A 18 0.79 8.75 -2.85
C LYS A 18 0.56 9.16 -4.31
N SER A 19 1.31 8.62 -5.24
CA SER A 19 1.12 8.99 -6.68
C SER A 19 -0.24 8.47 -7.18
N SER A 20 -0.64 7.29 -6.77
CA SER A 20 -1.95 6.73 -7.20
C SER A 20 -2.88 6.53 -5.99
N ASN A 21 -2.54 7.10 -4.85
CA ASN A 21 -3.39 6.95 -3.63
C ASN A 21 -3.66 5.47 -3.34
N LEU A 22 -2.66 4.75 -2.89
CA LEU A 22 -2.85 3.30 -2.59
C LEU A 22 -2.89 3.06 -1.08
N VAL A 23 -3.66 2.09 -0.65
CA VAL A 23 -3.74 1.79 0.82
C VAL A 23 -3.11 0.42 1.12
N CYS A 24 -2.86 0.12 2.38
CA CYS A 24 -2.25 -1.19 2.73
C CYS A 24 -3.34 -2.24 2.98
N SER A 25 -3.23 -3.37 2.33
CA SER A 25 -4.25 -4.46 2.53
C SER A 25 -3.96 -5.24 3.81
N ARG A 26 -4.89 -6.05 4.24
CA ARG A 26 -4.68 -6.86 5.49
C ARG A 26 -4.48 -8.34 5.16
N ALA A 27 -5.19 -8.86 4.18
CA ALA A 27 -5.04 -10.29 3.81
C ALA A 27 -3.71 -10.53 3.07
N HIS A 28 -3.44 -9.72 2.07
CA HIS A 28 -2.16 -9.89 1.31
C HIS A 28 -1.09 -8.92 1.81
N ARG A 29 -1.45 -7.95 2.63
CA ARG A 29 -0.45 -6.96 3.15
C ARG A 29 0.36 -6.35 2.00
N TRP A 30 -0.30 -5.62 1.13
CA TRP A 30 0.42 -4.98 -0.02
C TRP A 30 -0.29 -3.68 -0.44
N CYS A 31 0.27 -2.97 -1.38
CA CYS A 31 -0.34 -1.68 -1.84
C CYS A 31 -1.47 -1.96 -2.85
N LYS A 32 -2.68 -1.57 -2.51
CA LYS A 32 -3.84 -1.80 -3.43
C LYS A 32 -4.66 -0.52 -3.58
N TYR A 33 -5.49 -0.44 -4.60
CA TYR A 33 -6.31 0.78 -4.81
C TYR A 33 -7.80 0.46 -4.64
N GLU A 34 -8.58 1.42 -4.20
CA GLU A 34 -10.05 1.20 -4.03
C GLU A 34 -10.82 2.32 -4.74
N ILE A 35 -11.73 1.97 -5.61
CA ILE A 35 -12.52 3.02 -6.34
C ILE A 35 -13.55 3.67 -5.41
N GLU A 1 13.18 3.28 -2.27
CA GLU A 1 12.35 2.23 -2.95
C GLU A 1 11.08 1.96 -2.14
N CYS A 2 9.95 1.90 -2.81
CA CYS A 2 8.67 1.63 -2.09
C CYS A 2 7.85 0.56 -2.82
N LEU A 3 6.77 0.12 -2.22
CA LEU A 3 5.92 -0.94 -2.86
C LEU A 3 4.84 -0.29 -3.72
N GLY A 4 4.78 -0.63 -4.99
CA GLY A 4 3.74 -0.03 -5.89
C GLY A 4 2.40 -0.75 -5.67
N PHE A 5 1.50 -0.64 -6.62
CA PHE A 5 0.17 -1.31 -6.49
C PHE A 5 0.30 -2.82 -6.69
N GLY A 6 -0.40 -3.60 -5.91
CA GLY A 6 -0.31 -5.09 -6.06
C GLY A 6 0.94 -5.60 -5.34
N LYS A 7 1.19 -5.12 -4.15
CA LYS A 7 2.40 -5.58 -3.39
C LYS A 7 2.08 -5.64 -1.89
N GLY A 8 2.45 -6.72 -1.23
CA GLY A 8 2.17 -6.86 0.23
C GLY A 8 2.79 -5.69 1.01
N CYS A 9 2.03 -5.12 1.92
CA CYS A 9 2.55 -3.97 2.72
C CYS A 9 2.03 -4.06 4.16
N ASN A 10 2.73 -3.47 5.10
CA ASN A 10 2.28 -3.52 6.53
C ASN A 10 1.50 -2.25 6.89
N PRO A 11 0.45 -2.42 7.65
CA PRO A 11 -0.38 -1.26 8.09
C PRO A 11 0.36 -0.42 9.14
N SER A 12 1.13 -1.05 10.00
CA SER A 12 1.88 -0.29 11.04
C SER A 12 2.93 0.62 10.38
N ASN A 13 3.64 0.12 9.41
CA ASN A 13 4.67 0.94 8.71
C ASN A 13 4.28 1.10 7.23
N ASP A 14 3.27 1.88 6.96
CA ASP A 14 2.82 2.08 5.55
C ASP A 14 3.93 2.73 4.71
N GLN A 15 4.62 1.93 3.94
CA GLN A 15 5.72 2.48 3.09
C GLN A 15 5.41 2.25 1.61
N CYS A 16 4.17 2.43 1.22
CA CYS A 16 3.78 2.23 -0.21
C CYS A 16 4.23 3.42 -1.06
N CYS A 17 4.22 3.29 -2.36
CA CYS A 17 4.66 4.42 -3.24
C CYS A 17 3.57 5.50 -3.28
N LYS A 18 3.91 6.71 -2.88
CA LYS A 18 2.90 7.81 -2.88
C LYS A 18 2.70 8.38 -4.30
N SER A 19 3.45 7.92 -5.27
CA SER A 19 3.28 8.43 -6.66
C SER A 19 1.87 8.12 -7.19
N SER A 20 1.36 6.96 -6.86
CA SER A 20 -0.01 6.58 -7.33
C SER A 20 -1.00 6.56 -6.17
N ASN A 21 -0.68 7.21 -5.06
CA ASN A 21 -1.60 7.24 -3.88
C ASN A 21 -2.06 5.83 -3.51
N LEU A 22 -1.17 5.01 -3.02
CA LEU A 22 -1.55 3.62 -2.64
C LEU A 22 -1.51 3.45 -1.11
N VAL A 23 -2.43 2.71 -0.55
CA VAL A 23 -2.44 2.50 0.93
C VAL A 23 -2.30 1.01 1.26
N CYS A 24 -1.68 0.69 2.37
CA CYS A 24 -1.50 -0.74 2.77
C CYS A 24 -2.71 -1.22 3.56
N SER A 25 -3.42 -2.19 3.05
CA SER A 25 -4.63 -2.72 3.75
C SER A 25 -4.24 -3.65 4.90
N ARG A 26 -5.17 -3.97 5.77
CA ARG A 26 -4.88 -4.89 6.90
C ARG A 26 -5.52 -6.27 6.68
N ALA A 27 -6.58 -6.33 5.90
CA ALA A 27 -7.24 -7.65 5.64
C ALA A 27 -6.38 -8.50 4.70
N HIS A 28 -5.86 -7.91 3.66
CA HIS A 28 -4.98 -8.67 2.71
C HIS A 28 -3.51 -8.25 2.86
N ARG A 29 -3.23 -7.26 3.70
CA ARG A 29 -1.81 -6.80 3.89
C ARG A 29 -1.14 -6.51 2.54
N TRP A 30 -1.69 -5.60 1.76
CA TRP A 30 -1.08 -5.27 0.44
C TRP A 30 -1.38 -3.81 0.06
N CYS A 31 -0.77 -3.34 -1.01
CA CYS A 31 -0.99 -1.93 -1.45
C CYS A 31 -2.13 -1.87 -2.47
N LYS A 32 -3.09 -1.01 -2.25
CA LYS A 32 -4.24 -0.88 -3.19
C LYS A 32 -4.56 0.58 -3.47
N TYR A 33 -5.09 0.89 -4.63
CA TYR A 33 -5.43 2.30 -4.96
C TYR A 33 -6.81 2.68 -4.40
N GLU A 34 -6.95 3.89 -3.94
CA GLU A 34 -8.26 4.34 -3.37
C GLU A 34 -8.72 5.64 -4.06
N ILE A 35 -9.94 6.03 -3.84
CA ILE A 35 -10.45 7.30 -4.47
C ILE A 35 -10.46 8.44 -3.44
N GLU A 1 12.56 -2.32 -2.49
CA GLU A 1 11.95 -1.05 -3.01
C GLU A 1 10.57 -0.84 -2.38
N CYS A 2 9.92 0.26 -2.71
CA CYS A 2 8.57 0.53 -2.14
C CYS A 2 7.53 -0.39 -2.77
N LEU A 3 6.37 -0.53 -2.15
CA LEU A 3 5.31 -1.42 -2.70
C LEU A 3 4.39 -0.61 -3.62
N GLY A 4 4.24 -1.02 -4.86
CA GLY A 4 3.36 -0.28 -5.80
C GLY A 4 1.93 -0.83 -5.75
N PHE A 5 1.18 -0.66 -6.80
CA PHE A 5 -0.24 -1.16 -6.82
C PHE A 5 -0.26 -2.67 -7.08
N GLY A 6 -0.88 -3.43 -6.20
CA GLY A 6 -0.94 -4.91 -6.39
C GLY A 6 -0.15 -5.61 -5.29
N LYS A 7 0.99 -5.07 -4.92
CA LYS A 7 1.82 -5.72 -3.86
C LYS A 7 1.09 -5.71 -2.51
N GLY A 8 1.18 -6.80 -1.78
CA GLY A 8 0.50 -6.88 -0.45
C GLY A 8 1.33 -6.16 0.62
N CYS A 9 0.67 -5.50 1.54
CA CYS A 9 1.42 -4.76 2.60
C CYS A 9 0.65 -4.82 3.93
N ASN A 10 1.17 -4.20 4.96
CA ASN A 10 0.47 -4.21 6.28
C ASN A 10 0.08 -2.78 6.68
N PRO A 11 -1.00 -2.66 7.41
CA PRO A 11 -1.49 -1.34 7.86
C PRO A 11 -0.55 -0.75 8.92
N SER A 12 -0.07 -1.57 9.84
CA SER A 12 0.86 -1.05 10.90
C SER A 12 2.23 -0.75 10.27
N ASN A 13 2.73 -1.64 9.45
CA ASN A 13 4.05 -1.40 8.79
C ASN A 13 3.82 -1.01 7.32
N ASP A 14 3.24 0.13 7.09
CA ASP A 14 2.97 0.59 5.69
C ASP A 14 4.30 0.91 4.97
N GLN A 15 4.59 0.18 3.93
CA GLN A 15 5.86 0.43 3.16
C GLN A 15 5.55 0.59 1.67
N CYS A 16 4.52 1.33 1.34
CA CYS A 16 4.13 1.53 -0.09
C CYS A 16 4.84 2.74 -0.69
N CYS A 17 4.70 2.95 -1.97
CA CYS A 17 5.34 4.13 -2.63
C CYS A 17 4.43 5.35 -2.56
N LYS A 18 4.96 6.47 -2.15
CA LYS A 18 4.12 7.72 -2.05
C LYS A 18 4.01 8.41 -3.42
N SER A 19 4.89 8.10 -4.34
CA SER A 19 4.83 8.75 -5.69
C SER A 19 3.52 8.38 -6.41
N SER A 20 3.09 7.14 -6.29
CA SER A 20 1.81 6.72 -6.95
C SER A 20 0.61 6.93 -6.02
N ASN A 21 0.83 7.52 -4.85
CA ASN A 21 -0.30 7.76 -3.89
C ASN A 21 -1.05 6.45 -3.61
N LEU A 22 -0.36 5.45 -3.13
CA LEU A 22 -1.02 4.15 -2.83
C LEU A 22 -0.96 3.87 -1.32
N VAL A 23 -2.09 3.57 -0.72
CA VAL A 23 -2.12 3.29 0.75
C VAL A 23 -2.43 1.81 1.00
N CYS A 24 -2.02 1.29 2.13
CA CYS A 24 -2.30 -0.15 2.43
C CYS A 24 -3.71 -0.32 2.99
N SER A 25 -4.54 -1.07 2.32
CA SER A 25 -5.95 -1.27 2.80
C SER A 25 -5.98 -2.30 3.94
N ARG A 26 -6.97 -2.22 4.79
CA ARG A 26 -7.08 -3.20 5.93
C ARG A 26 -8.09 -4.30 5.60
N ALA A 27 -8.40 -4.50 4.34
CA ALA A 27 -9.38 -5.57 3.96
C ALA A 27 -8.64 -6.76 3.33
N HIS A 28 -7.81 -6.49 2.36
CA HIS A 28 -7.06 -7.60 1.69
C HIS A 28 -5.55 -7.46 1.94
N ARG A 29 -5.16 -6.61 2.88
CA ARG A 29 -3.69 -6.43 3.19
C ARG A 29 -2.91 -6.16 1.90
N TRP A 30 -3.25 -5.11 1.19
CA TRP A 30 -2.53 -4.79 -0.08
C TRP A 30 -2.52 -3.28 -0.33
N CYS A 31 -1.75 -2.84 -1.29
CA CYS A 31 -1.68 -1.38 -1.59
C CYS A 31 -2.67 -1.00 -2.69
N LYS A 32 -3.39 0.06 -2.50
CA LYS A 32 -4.38 0.51 -3.53
C LYS A 32 -4.54 2.04 -3.47
N TYR A 33 -5.09 2.62 -4.50
CA TYR A 33 -5.28 4.10 -4.52
C TYR A 33 -6.47 4.51 -3.65
N GLU A 34 -6.44 5.70 -3.10
CA GLU A 34 -7.57 6.16 -2.23
C GLU A 34 -8.72 6.66 -3.10
N ILE A 35 -9.85 5.99 -3.06
CA ILE A 35 -11.02 6.41 -3.88
C ILE A 35 -12.34 6.00 -3.20
N GLU A 1 12.87 3.32 -4.46
CA GLU A 1 11.50 3.27 -5.06
C GLU A 1 10.46 2.98 -3.96
N CYS A 2 9.19 3.09 -4.29
CA CYS A 2 8.12 2.82 -3.29
C CYS A 2 7.26 1.63 -3.72
N LEU A 3 6.37 1.19 -2.86
CA LEU A 3 5.48 0.02 -3.20
C LEU A 3 4.28 0.51 -4.02
N GLY A 4 4.27 0.24 -5.30
CA GLY A 4 3.13 0.70 -6.15
C GLY A 4 1.88 -0.17 -5.90
N PHE A 5 0.87 -0.01 -6.70
CA PHE A 5 -0.38 -0.82 -6.52
C PHE A 5 -0.13 -2.27 -6.95
N GLY A 6 -0.56 -3.21 -6.15
CA GLY A 6 -0.37 -4.65 -6.50
C GLY A 6 0.82 -5.24 -5.73
N LYS A 7 1.66 -4.40 -5.14
CA LYS A 7 2.83 -4.92 -4.37
C LYS A 7 2.48 -5.12 -2.90
N GLY A 8 3.11 -6.07 -2.25
CA GLY A 8 2.82 -6.33 -0.81
C GLY A 8 3.28 -5.13 0.04
N CYS A 9 2.67 -4.92 1.17
CA CYS A 9 3.07 -3.78 2.05
C CYS A 9 2.81 -4.11 3.52
N ASN A 10 3.61 -3.58 4.41
CA ASN A 10 3.41 -3.85 5.87
C ASN A 10 2.37 -2.88 6.44
N PRO A 11 1.41 -3.42 7.15
CA PRO A 11 0.34 -2.57 7.76
C PRO A 11 0.92 -1.68 8.86
N SER A 12 1.83 -2.19 9.66
CA SER A 12 2.44 -1.36 10.73
C SER A 12 3.38 -0.32 10.10
N ASN A 13 4.16 -0.74 9.13
CA ASN A 13 5.09 0.20 8.44
C ASN A 13 4.64 0.39 6.98
N ASP A 14 3.50 1.01 6.78
CA ASP A 14 3.00 1.22 5.39
C ASP A 14 3.94 2.15 4.61
N GLN A 15 4.15 1.86 3.36
CA GLN A 15 5.06 2.71 2.53
C GLN A 15 4.70 2.57 1.05
N CYS A 16 3.43 2.73 0.73
CA CYS A 16 2.99 2.62 -0.70
C CYS A 16 3.35 3.89 -1.46
N CYS A 17 3.34 3.83 -2.77
CA CYS A 17 3.68 5.05 -3.58
C CYS A 17 2.59 6.12 -3.39
N LYS A 18 2.99 7.34 -3.15
CA LYS A 18 2.00 8.44 -2.95
C LYS A 18 1.58 9.05 -4.30
N SER A 19 2.17 8.61 -5.39
CA SER A 19 1.80 9.15 -6.73
C SER A 19 0.32 8.86 -7.04
N SER A 20 -0.14 7.68 -6.69
CA SER A 20 -1.56 7.32 -6.95
C SER A 20 -2.36 7.22 -5.64
N ASN A 21 -1.86 7.83 -4.58
CA ASN A 21 -2.58 7.78 -3.26
C ASN A 21 -2.92 6.33 -2.88
N LEU A 22 -1.96 5.60 -2.38
CA LEU A 22 -2.22 4.17 -1.99
C LEU A 22 -1.91 3.95 -0.52
N VAL A 23 -2.66 3.08 0.12
CA VAL A 23 -2.42 2.78 1.57
C VAL A 23 -2.17 1.27 1.75
N CYS A 24 -1.84 0.85 2.94
CA CYS A 24 -1.59 -0.61 3.16
C CYS A 24 -2.88 -1.34 3.55
N SER A 25 -2.93 -2.62 3.32
CA SER A 25 -4.16 -3.41 3.67
C SER A 25 -3.82 -4.49 4.72
N ARG A 26 -4.83 -5.16 5.23
CA ARG A 26 -4.57 -6.22 6.25
C ARG A 26 -4.96 -7.61 5.72
N ALA A 27 -6.09 -7.71 5.05
CA ALA A 27 -6.52 -9.03 4.50
C ALA A 27 -5.48 -9.57 3.52
N HIS A 28 -4.98 -8.73 2.65
CA HIS A 28 -3.95 -9.19 1.66
C HIS A 28 -2.58 -8.58 1.98
N ARG A 29 -2.51 -7.60 2.86
CA ARG A 29 -1.21 -6.96 3.22
C ARG A 29 -0.50 -6.44 1.96
N TRP A 30 -1.11 -5.49 1.29
CA TRP A 30 -0.50 -4.93 0.04
C TRP A 30 -0.90 -3.45 -0.14
N CYS A 31 -0.49 -2.85 -1.22
CA CYS A 31 -0.85 -1.42 -1.46
C CYS A 31 -2.19 -1.31 -2.17
N LYS A 32 -3.21 -0.90 -1.47
CA LYS A 32 -4.57 -0.76 -2.09
C LYS A 32 -5.00 0.71 -2.08
N TYR A 33 -6.09 1.04 -2.74
CA TYR A 33 -6.55 2.47 -2.76
C TYR A 33 -7.39 2.77 -1.52
N GLU A 34 -7.35 4.00 -1.05
CA GLU A 34 -8.16 4.36 0.16
C GLU A 34 -9.46 5.05 -0.25
N ILE A 35 -10.57 4.60 0.29
CA ILE A 35 -11.89 5.22 -0.05
C ILE A 35 -12.79 5.31 1.19
N GLU A 1 11.69 -0.07 -6.01
CA GLU A 1 10.63 0.85 -6.53
C GLU A 1 9.41 0.84 -5.59
N CYS A 2 8.51 1.78 -5.78
CA CYS A 2 7.29 1.84 -4.90
C CYS A 2 6.34 0.67 -5.24
N LEU A 3 5.39 0.40 -4.39
CA LEU A 3 4.44 -0.72 -4.66
C LEU A 3 3.10 -0.16 -5.12
N GLY A 4 2.69 -0.48 -6.33
CA GLY A 4 1.39 0.04 -6.86
C GLY A 4 0.23 -0.79 -6.29
N PHE A 5 -0.75 -1.08 -7.10
CA PHE A 5 -1.92 -1.88 -6.60
C PHE A 5 -1.68 -3.38 -6.79
N GLY A 6 -1.79 -4.14 -5.74
CA GLY A 6 -1.58 -5.62 -5.84
C GLY A 6 -0.15 -5.97 -5.40
N LYS A 7 0.24 -5.56 -4.22
CA LYS A 7 1.62 -5.88 -3.73
C LYS A 7 1.63 -5.90 -2.20
N GLY A 8 2.25 -6.91 -1.61
CA GLY A 8 2.30 -7.00 -0.12
C GLY A 8 2.96 -5.74 0.46
N CYS A 9 2.49 -5.29 1.59
CA CYS A 9 3.08 -4.07 2.22
C CYS A 9 2.97 -4.16 3.74
N ASN A 10 3.84 -3.48 4.46
CA ASN A 10 3.79 -3.52 5.95
C ASN A 10 3.17 -2.22 6.50
N PRO A 11 2.48 -2.35 7.61
CA PRO A 11 1.84 -1.17 8.25
C PRO A 11 2.91 -0.25 8.86
N SER A 12 3.92 -0.82 9.48
CA SER A 12 5.01 0.02 10.08
C SER A 12 5.95 0.49 8.97
N ASN A 13 6.23 -0.37 8.01
CA ASN A 13 7.13 0.01 6.89
C ASN A 13 6.30 0.17 5.61
N ASP A 14 5.44 1.16 5.57
CA ASP A 14 4.59 1.38 4.37
C ASP A 14 5.46 1.62 3.12
N GLN A 15 5.32 0.78 2.12
CA GLN A 15 6.14 0.96 0.88
C GLN A 15 5.23 1.12 -0.35
N CYS A 16 4.04 1.63 -0.16
CA CYS A 16 3.12 1.82 -1.33
C CYS A 16 3.54 3.05 -2.15
N CYS A 17 3.07 3.14 -3.38
CA CYS A 17 3.44 4.31 -4.23
C CYS A 17 2.59 5.52 -3.86
N LYS A 18 3.21 6.61 -3.49
CA LYS A 18 2.46 7.83 -3.11
C LYS A 18 1.89 8.54 -4.36
N SER A 19 2.44 8.26 -5.52
CA SER A 19 1.93 8.91 -6.77
C SER A 19 0.45 8.61 -6.97
N SER A 20 0.02 7.40 -6.67
CA SER A 20 -1.42 7.04 -6.83
C SER A 20 -2.13 6.99 -5.47
N ASN A 21 -1.61 7.67 -4.47
CA ASN A 21 -2.25 7.66 -3.11
C ASN A 21 -2.58 6.22 -2.66
N LEU A 22 -1.57 5.41 -2.49
CA LEU A 22 -1.81 4.00 -2.04
C LEU A 22 -1.47 3.84 -0.56
N VAL A 23 -2.29 3.14 0.18
CA VAL A 23 -2.03 2.95 1.64
C VAL A 23 -1.97 1.46 1.97
N CYS A 24 -1.31 1.10 3.05
CA CYS A 24 -1.21 -0.34 3.43
C CYS A 24 -2.52 -0.82 4.07
N SER A 25 -2.88 -2.06 3.83
CA SER A 25 -4.15 -2.59 4.43
C SER A 25 -3.82 -3.51 5.62
N ARG A 26 -4.83 -3.97 6.32
CA ARG A 26 -4.59 -4.86 7.48
C ARG A 26 -5.09 -6.29 7.20
N ALA A 27 -6.12 -6.42 6.40
CA ALA A 27 -6.65 -7.79 6.08
C ALA A 27 -5.62 -8.61 5.32
N HIS A 28 -5.20 -8.14 4.17
CA HIS A 28 -4.18 -8.88 3.36
C HIS A 28 -2.80 -8.25 3.49
N ARG A 29 -2.69 -7.11 4.15
CA ARG A 29 -1.37 -6.42 4.31
C ARG A 29 -0.74 -6.15 2.94
N TRP A 30 -1.32 -5.25 2.18
CA TRP A 30 -0.77 -4.93 0.83
C TRP A 30 -1.07 -3.45 0.48
N CYS A 31 -0.76 -3.04 -0.72
CA CYS A 31 -1.01 -1.63 -1.11
C CYS A 31 -2.39 -1.48 -1.77
N LYS A 32 -3.28 -0.75 -1.14
CA LYS A 32 -4.64 -0.55 -1.71
C LYS A 32 -5.00 0.94 -1.72
N TYR A 33 -6.22 1.28 -2.03
CA TYR A 33 -6.63 2.72 -2.04
C TYR A 33 -7.47 3.05 -0.81
N GLU A 34 -7.40 4.27 -0.34
CA GLU A 34 -8.20 4.67 0.86
C GLU A 34 -9.70 4.70 0.51
N ILE A 35 -10.48 3.85 1.13
CA ILE A 35 -11.96 3.83 0.84
C ILE A 35 -12.73 4.40 2.03
N GLU A 1 12.22 0.79 -5.04
CA GLU A 1 11.83 0.36 -3.67
C GLU A 1 10.43 0.90 -3.33
N CYS A 2 9.41 0.36 -3.95
CA CYS A 2 8.02 0.84 -3.67
C CYS A 2 7.01 -0.30 -3.88
N LEU A 3 5.97 -0.35 -3.09
CA LEU A 3 4.96 -1.43 -3.23
C LEU A 3 3.77 -0.93 -4.06
N GLY A 4 3.65 -1.38 -5.29
CA GLY A 4 2.53 -0.93 -6.15
C GLY A 4 1.25 -1.70 -5.80
N PHE A 5 0.32 -1.76 -6.72
CA PHE A 5 -0.96 -2.49 -6.45
C PHE A 5 -0.72 -4.01 -6.46
N GLY A 6 -1.09 -4.68 -5.39
CA GLY A 6 -0.89 -6.16 -5.33
C GLY A 6 0.40 -6.47 -4.56
N LYS A 7 0.65 -5.78 -3.47
CA LYS A 7 1.88 -6.03 -2.67
C LYS A 7 1.57 -5.88 -1.18
N GLY A 8 2.00 -6.82 -0.37
CA GLY A 8 1.73 -6.75 1.10
C GLY A 8 2.48 -5.57 1.73
N CYS A 9 1.86 -4.87 2.63
CA CYS A 9 2.53 -3.72 3.31
C CYS A 9 2.04 -3.59 4.77
N ASN A 10 2.53 -2.60 5.49
CA ASN A 10 2.10 -2.43 6.91
C ASN A 10 1.19 -1.20 7.05
N PRO A 11 0.23 -1.29 7.95
CA PRO A 11 -0.70 -0.15 8.18
C PRO A 11 0.02 1.00 8.89
N SER A 12 0.80 0.71 9.91
CA SER A 12 1.54 1.80 10.62
C SER A 12 2.62 2.39 9.69
N ASN A 13 3.32 1.54 8.98
CA ASN A 13 4.37 2.04 8.04
C ASN A 13 3.96 1.72 6.59
N ASP A 14 2.95 2.40 6.10
CA ASP A 14 2.48 2.13 4.71
C ASP A 14 3.60 2.42 3.69
N GLN A 15 3.79 1.53 2.76
CA GLN A 15 4.87 1.73 1.73
C GLN A 15 4.28 1.57 0.32
N CYS A 16 3.05 1.98 0.13
CA CYS A 16 2.42 1.86 -1.22
C CYS A 16 2.94 2.97 -2.15
N CYS A 17 2.88 2.75 -3.44
CA CYS A 17 3.37 3.78 -4.41
C CYS A 17 2.38 4.95 -4.50
N LYS A 18 2.87 6.15 -4.52
CA LYS A 18 1.97 7.34 -4.62
C LYS A 18 1.67 7.70 -6.09
N SER A 19 2.15 6.92 -7.03
CA SER A 19 1.89 7.22 -8.47
C SER A 19 0.39 7.13 -8.76
N SER A 20 -0.26 6.08 -8.31
CA SER A 20 -1.72 5.93 -8.56
C SER A 20 -2.51 6.07 -7.24
N ASN A 21 -1.96 6.76 -6.26
CA ASN A 21 -2.65 6.95 -4.94
C ASN A 21 -3.01 5.60 -4.32
N LEU A 22 -2.03 4.89 -3.82
CA LEU A 22 -2.31 3.56 -3.19
C LEU A 22 -2.18 3.65 -1.67
N VAL A 23 -2.99 2.91 -0.95
CA VAL A 23 -2.93 2.93 0.55
C VAL A 23 -2.83 1.51 1.09
N CYS A 24 -2.16 1.32 2.20
CA CYS A 24 -2.03 -0.04 2.79
C CYS A 24 -3.31 -0.43 3.55
N SER A 25 -3.79 -1.63 3.34
CA SER A 25 -5.03 -2.09 4.03
C SER A 25 -4.68 -2.98 5.23
N ARG A 26 -5.62 -3.19 6.12
CA ARG A 26 -5.35 -4.06 7.32
C ARG A 26 -6.01 -5.43 7.13
N ALA A 27 -7.15 -5.49 6.48
CA ALA A 27 -7.85 -6.80 6.27
C ALA A 27 -6.93 -7.78 5.51
N HIS A 28 -6.34 -7.33 4.43
CA HIS A 28 -5.43 -8.22 3.65
C HIS A 28 -3.95 -7.78 3.81
N ARG A 29 -3.71 -6.66 4.46
CA ARG A 29 -2.30 -6.19 4.66
C ARG A 29 -1.59 -6.03 3.30
N TRP A 30 -2.14 -5.23 2.42
CA TRP A 30 -1.51 -5.02 1.09
C TRP A 30 -1.83 -3.62 0.53
N CYS A 31 -1.23 -3.25 -0.57
CA CYS A 31 -1.49 -1.91 -1.15
C CYS A 31 -2.74 -1.96 -2.06
N LYS A 32 -3.71 -1.13 -1.77
CA LYS A 32 -4.96 -1.09 -2.59
C LYS A 32 -5.22 0.34 -3.08
N TYR A 33 -6.19 0.51 -3.94
CA TYR A 33 -6.50 1.89 -4.46
C TYR A 33 -7.26 2.71 -3.41
N GLU A 34 -7.01 3.99 -3.37
CA GLU A 34 -7.72 4.87 -2.38
C GLU A 34 -9.19 5.05 -2.77
N ILE A 35 -10.09 4.77 -1.86
CA ILE A 35 -11.55 4.93 -2.16
C ILE A 35 -12.12 6.16 -1.44
N GLU A 1 13.16 2.51 -4.06
CA GLU A 1 12.06 1.79 -4.78
C GLU A 1 10.85 1.61 -3.86
N CYS A 2 9.67 1.91 -4.34
CA CYS A 2 8.44 1.75 -3.50
C CYS A 2 7.46 0.78 -4.16
N LEU A 3 6.40 0.44 -3.47
CA LEU A 3 5.41 -0.51 -4.04
C LEU A 3 4.21 0.26 -4.61
N GLY A 4 3.99 0.19 -5.91
CA GLY A 4 2.85 0.93 -6.52
C GLY A 4 1.55 0.15 -6.31
N PHE A 5 0.55 0.41 -7.11
CA PHE A 5 -0.75 -0.31 -6.95
C PHE A 5 -0.59 -1.79 -7.33
N GLY A 6 -1.27 -2.66 -6.62
CA GLY A 6 -1.16 -4.12 -6.92
C GLY A 6 0.15 -4.67 -6.35
N LYS A 7 0.54 -4.19 -5.19
CA LYS A 7 1.82 -4.68 -4.56
C LYS A 7 1.62 -4.86 -3.06
N GLY A 8 1.99 -6.00 -2.53
CA GLY A 8 1.82 -6.25 -1.07
C GLY A 8 2.64 -5.23 -0.26
N CYS A 9 2.16 -4.85 0.89
CA CYS A 9 2.90 -3.86 1.73
C CYS A 9 2.82 -4.25 3.21
N ASN A 10 3.40 -3.45 4.08
CA ASN A 10 3.36 -3.76 5.53
C ASN A 10 2.61 -2.65 6.29
N PRO A 11 1.74 -3.06 7.18
CA PRO A 11 0.96 -2.07 7.98
C PRO A 11 1.88 -1.36 8.99
N SER A 12 2.72 -2.10 9.66
CA SER A 12 3.66 -1.45 10.63
C SER A 12 4.78 -0.73 9.88
N ASN A 13 5.30 -1.34 8.85
CA ASN A 13 6.39 -0.69 8.05
C ASN A 13 5.85 -0.28 6.68
N ASP A 14 4.95 0.69 6.65
CA ASP A 14 4.38 1.16 5.36
C ASP A 14 5.48 1.68 4.43
N GLN A 15 5.58 1.12 3.25
CA GLN A 15 6.64 1.57 2.29
C GLN A 15 6.10 1.54 0.86
N CYS A 16 4.89 2.03 0.65
CA CYS A 16 4.30 2.04 -0.72
C CYS A 16 4.71 3.32 -1.48
N CYS A 17 4.37 3.40 -2.74
CA CYS A 17 4.73 4.62 -3.53
C CYS A 17 3.85 5.79 -3.14
N LYS A 18 4.45 6.93 -2.88
CA LYS A 18 3.65 8.14 -2.49
C LYS A 18 3.26 8.96 -3.73
N SER A 19 3.45 8.42 -4.91
CA SER A 19 3.07 9.17 -6.15
C SER A 19 1.54 9.34 -6.24
N SER A 20 0.80 8.32 -5.92
CA SER A 20 -0.69 8.42 -5.97
C SER A 20 -1.29 8.38 -4.56
N ASN A 21 -0.49 8.64 -3.54
CA ASN A 21 -1.00 8.64 -2.14
C ASN A 21 -1.71 7.30 -1.82
N LEU A 22 -0.99 6.22 -1.85
CA LEU A 22 -1.61 4.90 -1.55
C LEU A 22 -1.36 4.50 -0.08
N VAL A 23 -2.17 3.63 0.44
CA VAL A 23 -1.99 3.20 1.87
C VAL A 23 -1.96 1.67 1.97
N CYS A 24 -1.42 1.14 3.03
CA CYS A 24 -1.36 -0.35 3.20
C CYS A 24 -2.63 -0.86 3.90
N SER A 25 -3.27 -1.85 3.32
CA SER A 25 -4.51 -2.40 3.95
C SER A 25 -4.16 -3.53 4.93
N ARG A 26 -5.16 -4.19 5.48
CA ARG A 26 -4.88 -5.30 6.44
C ARG A 26 -5.43 -6.63 5.90
N ALA A 27 -6.63 -6.63 5.38
CA ALA A 27 -7.22 -7.89 4.83
C ALA A 27 -6.38 -8.40 3.65
N HIS A 28 -6.03 -7.53 2.75
CA HIS A 28 -5.20 -7.96 1.57
C HIS A 28 -3.73 -7.57 1.78
N ARG A 29 -3.46 -6.64 2.68
CA ARG A 29 -2.05 -6.21 2.95
C ARG A 29 -1.35 -5.80 1.64
N TRP A 30 -1.87 -4.80 0.97
CA TRP A 30 -1.25 -4.33 -0.30
C TRP A 30 -1.50 -2.83 -0.51
N CYS A 31 -0.99 -2.28 -1.58
CA CYS A 31 -1.20 -0.83 -1.86
C CYS A 31 -2.62 -0.59 -2.39
N LYS A 32 -3.44 0.08 -1.62
CA LYS A 32 -4.84 0.36 -2.07
C LYS A 32 -5.13 1.86 -2.02
N TYR A 33 -6.22 2.29 -2.61
CA TYR A 33 -6.57 3.74 -2.60
C TYR A 33 -7.44 4.07 -1.38
N GLU A 34 -7.62 5.34 -1.09
CA GLU A 34 -8.45 5.73 0.08
C GLU A 34 -9.77 6.36 -0.38
N ILE A 35 -10.86 6.03 0.27
CA ILE A 35 -12.18 6.60 -0.13
C ILE A 35 -12.36 7.99 0.50
N GLU A 1 13.13 3.57 -2.47
CA GLU A 1 11.94 3.24 -3.31
C GLU A 1 10.69 3.04 -2.43
N CYS A 2 9.52 3.09 -3.04
CA CYS A 2 8.26 2.92 -2.24
C CYS A 2 7.39 1.81 -2.85
N LEU A 3 6.42 1.33 -2.12
CA LEU A 3 5.54 0.24 -2.64
C LEU A 3 4.28 0.84 -3.29
N GLY A 4 4.07 0.60 -4.56
CA GLY A 4 2.87 1.17 -5.25
C GLY A 4 1.83 0.06 -5.48
N PHE A 5 0.96 0.25 -6.44
CA PHE A 5 -0.10 -0.77 -6.72
C PHE A 5 0.53 -2.11 -7.12
N GLY A 6 0.01 -3.21 -6.61
CA GLY A 6 0.56 -4.54 -6.95
C GLY A 6 1.42 -5.06 -5.80
N LYS A 7 2.31 -4.25 -5.29
CA LYS A 7 3.19 -4.69 -4.16
C LYS A 7 2.39 -4.67 -2.84
N GLY A 8 2.93 -5.24 -1.80
CA GLY A 8 2.21 -5.27 -0.49
C GLY A 8 3.15 -4.89 0.66
N CYS A 9 2.60 -4.47 1.77
CA CYS A 9 3.44 -4.09 2.94
C CYS A 9 2.70 -4.36 4.26
N ASN A 10 3.27 -3.94 5.37
CA ASN A 10 2.59 -4.17 6.69
C ASN A 10 1.37 -3.26 6.82
N PRO A 11 0.33 -3.78 7.45
CA PRO A 11 -0.92 -2.99 7.65
C PRO A 11 -0.71 -1.89 8.69
N SER A 12 -0.08 -2.21 9.81
CA SER A 12 0.15 -1.17 10.86
C SER A 12 1.31 -0.25 10.44
N ASN A 13 2.41 -0.82 10.02
CA ASN A 13 3.57 0.00 9.58
C ASN A 13 3.68 -0.04 8.05
N ASP A 14 2.72 0.53 7.36
CA ASP A 14 2.75 0.52 5.88
C ASP A 14 3.69 1.61 5.34
N GLN A 15 4.39 1.31 4.28
CA GLN A 15 5.32 2.31 3.67
C GLN A 15 5.06 2.41 2.16
N CYS A 16 3.81 2.49 1.78
CA CYS A 16 3.46 2.59 0.32
C CYS A 16 3.74 4.01 -0.20
N CYS A 17 3.69 4.20 -1.49
CA CYS A 17 3.94 5.57 -2.06
C CYS A 17 2.71 6.45 -1.89
N LYS A 18 2.88 7.62 -1.31
CA LYS A 18 1.72 8.55 -1.11
C LYS A 18 1.43 9.34 -2.40
N SER A 19 2.30 9.25 -3.38
CA SER A 19 2.08 10.01 -4.67
C SER A 19 0.79 9.51 -5.36
N SER A 20 0.56 8.22 -5.36
CA SER A 20 -0.67 7.68 -6.01
C SER A 20 -1.76 7.36 -4.97
N ASN A 21 -1.65 7.92 -3.78
CA ASN A 21 -2.68 7.66 -2.72
C ASN A 21 -2.94 6.15 -2.57
N LEU A 22 -1.92 5.39 -2.30
CA LEU A 22 -2.11 3.90 -2.14
C LEU A 22 -1.87 3.50 -0.69
N VAL A 23 -2.68 2.60 -0.18
CA VAL A 23 -2.51 2.15 1.25
C VAL A 23 -2.57 0.61 1.31
N CYS A 24 -1.84 0.03 2.23
CA CYS A 24 -1.86 -1.46 2.36
C CYS A 24 -3.16 -1.91 3.04
N SER A 25 -3.69 -3.05 2.63
CA SER A 25 -4.96 -3.55 3.25
C SER A 25 -4.65 -4.36 4.52
N ARG A 26 -5.65 -5.02 5.07
CA ARG A 26 -5.42 -5.82 6.31
C ARG A 26 -5.48 -7.32 6.00
N ALA A 27 -6.35 -7.74 5.12
CA ALA A 27 -6.45 -9.19 4.78
C ALA A 27 -5.28 -9.59 3.87
N HIS A 28 -5.15 -8.94 2.74
CA HIS A 28 -4.04 -9.27 1.80
C HIS A 28 -2.79 -8.42 2.08
N ARG A 29 -2.93 -7.38 2.88
CA ARG A 29 -1.77 -6.49 3.20
C ARG A 29 -1.10 -6.01 1.90
N TRP A 30 -1.89 -5.67 0.91
CA TRP A 30 -1.32 -5.19 -0.39
C TRP A 30 -1.68 -3.71 -0.61
N CYS A 31 -0.89 -3.03 -1.40
CA CYS A 31 -1.18 -1.58 -1.67
C CYS A 31 -2.36 -1.44 -2.65
N LYS A 32 -3.33 -0.65 -2.29
CA LYS A 32 -4.52 -0.46 -3.19
C LYS A 32 -4.91 1.03 -3.26
N TYR A 33 -5.64 1.40 -4.28
CA TYR A 33 -6.06 2.83 -4.41
C TYR A 33 -7.30 3.10 -3.52
N GLU A 34 -7.09 3.61 -2.34
CA GLU A 34 -8.24 3.89 -1.42
C GLU A 34 -8.64 5.37 -1.54
N ILE A 35 -9.87 5.68 -1.24
CA ILE A 35 -10.33 7.11 -1.34
C ILE A 35 -9.86 7.90 -0.11
N GLU A 1 10.79 5.61 -6.72
CA GLU A 1 10.24 4.24 -6.98
C GLU A 1 9.05 3.95 -6.04
N CYS A 2 7.97 3.42 -6.56
CA CYS A 2 6.80 3.12 -5.70
C CYS A 2 6.22 1.73 -6.03
N LEU A 3 5.39 1.21 -5.16
CA LEU A 3 4.79 -0.13 -5.39
C LEU A 3 3.36 0.00 -5.93
N GLY A 4 2.83 -1.03 -6.53
CA GLY A 4 1.45 -0.97 -7.08
C GLY A 4 0.53 -1.87 -6.26
N PHE A 5 -0.56 -2.31 -6.83
CA PHE A 5 -1.51 -3.20 -6.09
C PHE A 5 -1.03 -4.65 -6.18
N GLY A 6 -1.11 -5.38 -5.09
CA GLY A 6 -0.67 -6.81 -5.11
C GLY A 6 0.65 -6.94 -4.33
N LYS A 7 1.57 -6.03 -4.53
CA LYS A 7 2.88 -6.09 -3.80
C LYS A 7 2.66 -5.84 -2.31
N GLY A 8 3.37 -6.57 -1.48
CA GLY A 8 3.22 -6.40 0.00
C GLY A 8 4.09 -5.24 0.49
N CYS A 9 3.59 -4.46 1.42
CA CYS A 9 4.38 -3.31 1.96
C CYS A 9 3.99 -3.05 3.42
N ASN A 10 4.90 -2.55 4.21
CA ASN A 10 4.58 -2.27 5.64
C ASN A 10 3.94 -0.88 5.80
N PRO A 11 3.13 -0.74 6.82
CA PRO A 11 2.43 0.55 7.09
C PRO A 11 3.41 1.61 7.61
N SER A 12 4.41 1.21 8.37
CA SER A 12 5.39 2.21 8.91
C SER A 12 6.06 2.98 7.78
N ASN A 13 6.38 2.31 6.69
CA ASN A 13 7.02 2.99 5.54
C ASN A 13 6.32 2.59 4.24
N ASP A 14 5.10 3.03 4.06
CA ASP A 14 4.34 2.68 2.81
C ASP A 14 5.06 3.25 1.59
N GLN A 15 5.30 2.43 0.60
CA GLN A 15 6.01 2.92 -0.63
C GLN A 15 5.11 2.79 -1.87
N CYS A 16 3.82 2.64 -1.69
CA CYS A 16 2.91 2.50 -2.87
C CYS A 16 2.73 3.86 -3.55
N CYS A 17 2.45 3.85 -4.82
CA CYS A 17 2.26 5.14 -5.57
C CYS A 17 0.94 5.81 -5.15
N LYS A 18 0.98 7.10 -4.93
CA LYS A 18 -0.27 7.84 -4.52
C LYS A 18 -1.22 8.01 -5.72
N SER A 19 -0.72 7.86 -6.92
CA SER A 19 -1.60 8.02 -8.13
C SER A 19 -2.71 6.96 -8.13
N SER A 20 -2.42 5.77 -7.66
CA SER A 20 -3.46 4.69 -7.64
C SER A 20 -4.17 4.65 -6.27
N ASN A 21 -3.96 5.63 -5.42
CA ASN A 21 -4.61 5.64 -4.07
C ASN A 21 -4.42 4.29 -3.36
N LEU A 22 -3.21 3.79 -3.36
CA LEU A 22 -2.94 2.48 -2.69
C LEU A 22 -2.49 2.70 -1.24
N VAL A 23 -2.96 1.89 -0.33
CA VAL A 23 -2.56 2.03 1.11
C VAL A 23 -1.98 0.72 1.64
N CYS A 24 -0.94 0.81 2.44
CA CYS A 24 -0.32 -0.42 3.00
C CYS A 24 -1.08 -0.88 4.24
N SER A 25 -1.81 -1.95 4.14
CA SER A 25 -2.58 -2.46 5.31
C SER A 25 -1.65 -3.11 6.33
N ARG A 26 -1.91 -2.90 7.59
CA ARG A 26 -1.03 -3.50 8.66
C ARG A 26 -1.51 -4.93 9.01
N ALA A 27 -2.77 -5.21 8.78
CA ALA A 27 -3.30 -6.58 9.10
C ALA A 27 -2.72 -7.61 8.12
N HIS A 28 -2.68 -7.29 6.85
CA HIS A 28 -2.13 -8.24 5.84
C HIS A 28 -0.76 -7.78 5.33
N ARG A 29 -0.25 -6.67 5.85
CA ARG A 29 1.09 -6.15 5.42
C ARG A 29 1.19 -6.06 3.88
N TRP A 30 0.13 -5.66 3.22
CA TRP A 30 0.18 -5.55 1.73
C TRP A 30 -0.55 -4.28 1.27
N CYS A 31 -0.43 -3.94 0.00
CA CYS A 31 -1.11 -2.71 -0.50
C CYS A 31 -2.47 -3.05 -1.11
N LYS A 32 -3.47 -2.26 -0.83
CA LYS A 32 -4.83 -2.52 -1.39
C LYS A 32 -5.53 -1.20 -1.75
N TYR A 33 -6.70 -1.27 -2.35
CA TYR A 33 -7.43 -0.03 -2.72
C TYR A 33 -8.39 0.36 -1.59
N GLU A 34 -8.41 1.63 -1.23
CA GLU A 34 -9.31 2.08 -0.14
C GLU A 34 -9.80 3.52 -0.40
N ILE A 35 -10.90 3.89 0.20
CA ILE A 35 -11.44 5.27 -0.01
C ILE A 35 -11.76 5.94 1.35
#